data_8JZ4
#
_entry.id   8JZ4
#
_cell.length_a   58.608
_cell.length_b   75.937
_cell.length_c   144.239
_cell.angle_alpha   90.00
_cell.angle_beta   90.00
_cell.angle_gamma   90.00
#
_symmetry.space_group_name_H-M   'P 21 21 21'
#
loop_
_entity.id
_entity.type
_entity.pdbx_description
1 polymer AetF
2 non-polymer 'FLAVIN-ADENINE DINUCLEOTIDE'
3 non-polymer 5-bromo-L-tryptophan
4 water water
#
_entity_poly.entity_id   1
_entity_poly.type   'polypeptide(L)'
_entity_poly.pdbx_seq_one_letter_code
;GAGAGAGAGAGMLEVCIIGFGFSAIPLVRELARTQTEFQIISAESGSVWDRLSESGRLDFSLVSSFQTSFYSFDLVRDYE
KDYYPTAKQFYEMHERWRSVYEEKIIRDFVTKIENFKDYSLISTRSGKTYEAKHVVLATGFDRLMNTFLSNFDNHVSNKT
FVFDTMGDSANLLIAKLIPNNNKIILRTNGFTALDQEVQVLGKPFTLDQLESPNFRYVSSELYDRLMMSPVYPRTVNPAV
SYNQFPLIRRDFSWVDSKSSPPNGLIAIKYWPIDQYYYHFNDDLENYISKGYLLNDIAMWLHTGKVILVPSDTPINFDKK
TITYAGIERSFHQYVKGDAEQPRLPTILINGETPFEYLYRDTFMGVIPQRLNNIYFLGYTRPFTGGLANITEMQSLFIHK
LITQPQFHQKIHQNLSKRITAYNQHYYGAAKPRKHDHTVPFGFYTEDIARLIGIHYQPNECRSVRDLLFYYAFPNNAFKY
RLKGEYAVDGVDELIQKVNDKHDHYAQVFVQALSIRNMNSDEAAEWDHSARRFSFNDMRHKEGYRAFLDTYLKAYRQVEN
ISVDDTVVDEEWNFMVKEACQVRDKVAPNIEEKTHYSKDEDVNKGIRLILSILDSDISSLPDSNGSRGSGNLKEGDRLCK
FEAQSIEFIRRLLQPKNYELLFIRESTVSPGSHRHGETA
;
_entity_poly.pdbx_strand_id   A
#
loop_
_chem_comp.id
_chem_comp.type
_chem_comp.name
_chem_comp.formula
64X non-polymer 5-bromo-L-tryptophan 'C11 H11 Br N2 O2'
FAD non-polymer 'FLAVIN-ADENINE DINUCLEOTIDE' 'C27 H33 N9 O15 P2'
#
# COMPACT_ATOMS: atom_id res chain seq x y z
N MET A 12 28.78 -26.15 9.06
CA MET A 12 28.53 -24.70 8.69
C MET A 12 27.01 -24.48 8.49
N LEU A 13 26.44 -23.53 9.23
CA LEU A 13 25.01 -23.12 9.16
C LEU A 13 24.61 -22.75 7.73
N GLU A 14 23.53 -23.35 7.21
CA GLU A 14 23.12 -23.10 5.79
C GLU A 14 22.51 -21.69 5.69
N VAL A 15 21.61 -21.33 6.61
CA VAL A 15 20.87 -20.03 6.57
C VAL A 15 20.82 -19.40 7.97
N CYS A 16 21.07 -18.10 8.02
CA CYS A 16 20.81 -17.26 9.22
C CYS A 16 19.87 -16.12 8.83
N ILE A 17 18.70 -16.10 9.44
CA ILE A 17 17.70 -14.99 9.29
C ILE A 17 17.99 -13.98 10.39
N ILE A 18 18.26 -12.73 10.05
CA ILE A 18 18.45 -11.64 11.05
C ILE A 18 17.17 -10.79 11.12
N GLY A 19 16.54 -10.82 12.28
CA GLY A 19 15.30 -10.08 12.55
C GLY A 19 14.11 -10.95 12.27
N PHE A 20 13.19 -10.98 13.21
CA PHE A 20 11.94 -11.78 13.13
C PHE A 20 10.78 -10.97 13.67
N GLY A 21 9.93 -10.46 12.78
CA GLY A 21 8.68 -9.80 13.15
C GLY A 21 7.51 -10.33 12.36
N PHE A 22 7.38 -9.84 11.13
CA PHE A 22 6.23 -10.17 10.26
C PHE A 22 6.77 -10.67 8.91
N SER A 23 7.79 -10.00 8.38
CA SER A 23 8.30 -10.20 7.01
C SER A 23 8.91 -11.60 6.86
N ALA A 24 9.53 -12.13 7.92
CA ALA A 24 10.34 -13.37 7.87
C ALA A 24 9.44 -14.62 7.95
N ILE A 25 8.16 -14.47 8.34
CA ILE A 25 7.34 -15.66 8.65
C ILE A 25 7.25 -16.60 7.44
N PRO A 26 6.89 -16.15 6.21
CA PRO A 26 6.71 -17.07 5.12
C PRO A 26 7.97 -17.84 4.73
N LEU A 27 9.12 -17.18 4.81
CA LEU A 27 10.40 -17.81 4.42
C LEU A 27 10.71 -18.90 5.44
N VAL A 28 10.61 -18.57 6.72
CA VAL A 28 10.91 -19.52 7.81
C VAL A 28 10.01 -20.73 7.56
N ARG A 29 8.76 -20.49 7.19
CA ARG A 29 7.81 -21.60 6.97
C ARG A 29 8.37 -22.51 5.88
N GLU A 30 8.77 -21.93 4.74
CA GLU A 30 9.28 -22.70 3.57
C GLU A 30 10.59 -23.41 3.92
N LEU A 31 11.50 -22.78 4.67
CA LEU A 31 12.76 -23.43 5.08
C LEU A 31 12.43 -24.67 5.94
N ALA A 32 11.55 -24.53 6.92
CA ALA A 32 11.08 -25.69 7.74
C ALA A 32 10.55 -26.80 6.83
N ARG A 33 9.81 -26.46 5.77
CA ARG A 33 9.16 -27.46 4.87
C ARG A 33 10.22 -28.28 4.13
N THR A 34 11.27 -27.63 3.62
CA THR A 34 12.36 -28.31 2.87
C THR A 34 13.42 -28.81 3.89
N GLN A 35 13.15 -28.75 5.19
CA GLN A 35 14.10 -29.10 6.27
C GLN A 35 15.48 -28.51 5.97
N THR A 36 15.56 -27.32 5.34
CA THR A 36 16.80 -26.51 5.20
C THR A 36 17.22 -26.07 6.61
N GLU A 37 18.47 -26.31 7.00
CA GLU A 37 19.04 -25.92 8.33
C GLU A 37 19.07 -24.39 8.47
N PHE A 38 18.32 -23.83 9.42
CA PHE A 38 18.37 -22.36 9.63
C PHE A 38 18.40 -22.05 11.12
N GLN A 39 18.97 -20.89 11.43
CA GLN A 39 18.87 -20.18 12.73
C GLN A 39 18.31 -18.78 12.47
N ILE A 40 17.53 -18.27 13.41
CA ILE A 40 17.02 -16.88 13.48
C ILE A 40 17.77 -16.20 14.63
N ILE A 41 18.22 -14.97 14.39
CA ILE A 41 18.70 -14.02 15.42
C ILE A 41 17.81 -12.77 15.38
N SER A 42 17.29 -12.36 16.54
CA SER A 42 16.32 -11.24 16.63
C SER A 42 16.38 -10.64 18.04
N ALA A 43 16.34 -9.30 18.12
CA ALA A 43 16.58 -8.49 19.34
C ALA A 43 15.56 -8.83 20.41
N GLU A 44 16.01 -8.90 21.69
CA GLU A 44 15.12 -9.05 22.89
C GLU A 44 14.02 -7.98 22.88
N SER A 45 14.35 -6.76 22.44
CA SER A 45 13.48 -5.56 22.53
C SER A 45 12.26 -5.68 21.61
N GLY A 46 12.30 -6.52 20.56
CA GLY A 46 11.21 -6.61 19.57
C GLY A 46 11.06 -5.34 18.75
N SER A 47 9.84 -4.90 18.44
CA SER A 47 9.55 -3.89 17.37
C SER A 47 8.66 -2.75 17.89
N VAL A 48 8.22 -1.88 16.95
CA VAL A 48 7.21 -0.80 17.20
C VAL A 48 6.03 -1.45 17.93
N TRP A 49 5.59 -2.62 17.44
CA TRP A 49 4.30 -3.23 17.83
C TRP A 49 4.34 -3.59 19.32
N ASP A 50 5.53 -3.91 19.86
CA ASP A 50 5.71 -4.23 21.30
C ASP A 50 5.68 -2.93 22.11
N ARG A 51 6.27 -1.83 21.59
CA ARG A 51 6.15 -0.47 22.20
C ARG A 51 4.66 -0.10 22.27
N LEU A 52 3.94 -0.22 21.14
CA LEU A 52 2.50 0.11 21.03
C LEU A 52 1.70 -0.76 22.02
N SER A 53 1.94 -2.08 22.02
CA SER A 53 1.33 -3.07 22.96
C SER A 53 1.48 -2.61 24.42
N GLU A 54 2.70 -2.30 24.87
CA GLU A 54 2.99 -2.16 26.32
C GLU A 54 2.60 -0.75 26.82
N SER A 55 2.62 0.26 25.94
CA SER A 55 2.07 1.61 26.19
C SER A 55 0.55 1.64 25.96
N GLY A 56 -0.06 0.49 25.62
CA GLY A 56 -1.52 0.32 25.42
C GLY A 56 -2.07 1.10 24.22
N ARG A 57 -1.32 1.22 23.13
CA ARG A 57 -1.69 2.06 21.96
C ARG A 57 -1.86 1.21 20.70
N LEU A 58 -2.28 -0.06 20.83
CA LEU A 58 -2.84 -0.88 19.72
C LEU A 58 -4.31 -0.50 19.56
N ASP A 59 -4.58 0.74 19.21
CA ASP A 59 -5.93 1.38 19.23
C ASP A 59 -6.14 2.03 17.86
N PHE A 60 -5.80 1.31 16.79
CA PHE A 60 -6.07 1.71 15.39
C PHE A 60 -6.25 0.44 14.57
N SER A 61 -6.52 0.59 13.28
CA SER A 61 -6.74 -0.55 12.35
C SER A 61 -5.77 -0.40 11.17
N LEU A 62 -5.56 -1.48 10.41
CA LEU A 62 -4.77 -1.41 9.15
C LEU A 62 -5.55 -0.59 8.12
N VAL A 63 -4.85 0.09 7.22
CA VAL A 63 -5.39 0.75 5.99
C VAL A 63 -5.66 -0.31 4.91
N SER A 64 -5.21 -1.55 5.11
CA SER A 64 -5.25 -2.63 4.09
C SER A 64 -6.20 -3.77 4.48
N SER A 65 -6.75 -4.42 3.45
CA SER A 65 -7.63 -5.60 3.45
C SER A 65 -6.94 -6.81 4.08
N PHE A 66 -7.73 -7.64 4.76
CA PHE A 66 -7.33 -8.95 5.31
C PHE A 66 -6.59 -9.75 4.24
N GLN A 67 -7.20 -9.82 3.05
CA GLN A 67 -6.80 -10.53 1.81
C GLN A 67 -5.33 -10.24 1.47
N THR A 68 -4.85 -9.02 1.73
CA THR A 68 -3.52 -8.52 1.31
C THR A 68 -2.58 -8.29 2.49
N SER A 69 -3.02 -8.55 3.73
CA SER A 69 -2.25 -8.16 4.94
C SER A 69 -1.85 -9.36 5.80
N PHE A 70 -2.50 -10.50 5.59
CA PHE A 70 -2.27 -11.77 6.31
C PHE A 70 -1.86 -12.75 5.23
N TYR A 71 -1.05 -13.72 5.58
CA TYR A 71 -0.43 -14.65 4.60
C TYR A 71 -1.46 -15.71 4.17
N SER A 72 -1.26 -16.28 2.98
CA SER A 72 -2.10 -17.35 2.38
C SER A 72 -2.43 -18.45 3.41
N PHE A 73 -1.43 -18.91 4.16
CA PHE A 73 -1.57 -20.10 5.06
C PHE A 73 -2.47 -19.75 6.24
N ASP A 74 -2.66 -18.45 6.51
CA ASP A 74 -3.68 -17.98 7.48
C ASP A 74 -5.01 -17.79 6.74
N LEU A 75 -4.98 -17.25 5.53
CA LEU A 75 -6.24 -16.83 4.85
C LEU A 75 -7.07 -18.07 4.55
N VAL A 76 -6.42 -19.15 4.15
CA VAL A 76 -7.15 -20.40 3.74
C VAL A 76 -7.93 -20.98 4.92
N ARG A 77 -7.58 -20.63 6.17
CA ARG A 77 -8.30 -21.05 7.39
C ARG A 77 -9.30 -20.00 7.84
N ASP A 78 -8.95 -18.71 7.73
CA ASP A 78 -9.63 -17.62 8.49
C ASP A 78 -10.38 -16.64 7.58
N TYR A 79 -10.26 -16.68 6.25
CA TYR A 79 -11.07 -15.81 5.36
C TYR A 79 -12.52 -16.31 5.28
N GLU A 80 -13.44 -15.48 5.80
CA GLU A 80 -14.92 -15.64 5.72
C GLU A 80 -15.50 -14.44 4.99
N LYS A 81 -14.86 -13.26 5.07
CA LYS A 81 -15.27 -12.02 4.36
C LYS A 81 -14.10 -11.02 4.37
N ASP A 82 -14.17 -10.01 3.49
CA ASP A 82 -13.31 -8.80 3.56
C ASP A 82 -13.59 -8.06 4.87
N TYR A 83 -12.55 -7.71 5.58
CA TYR A 83 -12.59 -6.74 6.69
C TYR A 83 -11.20 -6.13 6.83
N TYR A 84 -11.10 -5.02 7.56
CA TYR A 84 -9.80 -4.39 7.93
C TYR A 84 -9.41 -4.91 9.30
N PRO A 85 -8.30 -5.67 9.42
CA PRO A 85 -7.81 -6.08 10.72
C PRO A 85 -7.50 -4.87 11.62
N THR A 86 -7.64 -5.06 12.92
CA THR A 86 -7.18 -4.08 13.92
C THR A 86 -5.67 -4.22 14.11
N ALA A 87 -5.02 -3.17 14.62
CA ALA A 87 -3.63 -3.18 15.10
C ALA A 87 -3.44 -4.38 16.02
N LYS A 88 -4.42 -4.62 16.89
CA LYS A 88 -4.32 -5.70 17.91
C LYS A 88 -4.34 -7.05 17.21
N GLN A 89 -5.25 -7.27 16.25
CA GLN A 89 -5.31 -8.56 15.49
C GLN A 89 -4.00 -8.80 14.74
N PHE A 90 -3.41 -7.77 14.13
CA PHE A 90 -2.11 -7.86 13.39
C PHE A 90 -1.00 -8.31 14.35
N TYR A 91 -0.84 -7.63 15.48
CA TYR A 91 0.19 -7.96 16.49
C TYR A 91 -0.03 -9.38 17.02
N GLU A 92 -1.26 -9.71 17.38
CA GLU A 92 -1.63 -11.06 17.90
C GLU A 92 -1.17 -12.11 16.89
N MET A 93 -1.30 -11.85 15.58
CA MET A 93 -0.90 -12.80 14.51
C MET A 93 0.64 -12.89 14.47
N HIS A 94 1.37 -11.77 14.62
CA HIS A 94 2.85 -11.75 14.81
C HIS A 94 3.23 -12.68 16.00
N GLU A 95 2.49 -12.57 17.11
CA GLU A 95 2.84 -13.22 18.40
C GLU A 95 2.56 -14.72 18.31
N ARG A 96 1.53 -15.13 17.56
CA ARG A 96 1.20 -16.57 17.40
C ARG A 96 2.32 -17.21 16.57
N TRP A 97 2.76 -16.55 15.51
CA TRP A 97 3.83 -17.11 14.64
C TRP A 97 5.18 -17.08 15.36
N ARG A 98 5.46 -16.03 16.16
CA ARG A 98 6.70 -16.00 16.99
C ARG A 98 6.73 -17.26 17.88
N SER A 99 5.65 -17.51 18.61
CA SER A 99 5.49 -18.69 19.49
C SER A 99 5.80 -19.99 18.75
N VAL A 100 5.30 -20.15 17.52
CA VAL A 100 5.56 -21.36 16.69
C VAL A 100 7.07 -21.55 16.53
N TYR A 101 7.80 -20.47 16.23
CA TYR A 101 9.22 -20.56 15.79
C TYR A 101 10.19 -20.13 16.91
N GLU A 102 9.70 -19.79 18.11
CA GLU A 102 10.57 -19.21 19.19
C GLU A 102 11.80 -20.11 19.44
N GLU A 103 11.68 -21.44 19.30
CA GLU A 103 12.81 -22.36 19.59
C GLU A 103 13.97 -22.11 18.60
N LYS A 104 13.67 -21.50 17.44
CA LYS A 104 14.62 -21.32 16.32
C LYS A 104 15.26 -19.94 16.43
N ILE A 105 14.84 -19.15 17.42
CA ILE A 105 15.23 -17.71 17.52
C ILE A 105 16.25 -17.55 18.66
N ILE A 106 17.47 -17.09 18.34
CA ILE A 106 18.43 -16.55 19.35
C ILE A 106 18.09 -15.08 19.58
N ARG A 107 17.90 -14.70 20.85
CA ARG A 107 17.61 -13.31 21.27
C ARG A 107 18.94 -12.57 21.42
N ASP A 108 19.32 -11.83 20.39
CA ASP A 108 20.58 -11.06 20.34
C ASP A 108 20.46 -10.02 19.24
N PHE A 109 21.38 -9.07 19.24
CA PHE A 109 21.37 -7.92 18.32
C PHE A 109 22.61 -8.01 17.42
N VAL A 110 22.40 -8.05 16.10
CA VAL A 110 23.53 -8.17 15.14
C VAL A 110 24.08 -6.76 14.90
N THR A 111 25.37 -6.62 15.11
CA THR A 111 26.08 -5.32 15.06
C THR A 111 26.89 -5.28 13.78
N LYS A 112 27.26 -6.42 13.21
CA LYS A 112 28.08 -6.41 11.96
C LYS A 112 27.97 -7.74 11.22
N ILE A 113 28.03 -7.66 9.89
CA ILE A 113 28.11 -8.81 8.95
C ILE A 113 29.37 -8.60 8.08
N GLU A 114 30.31 -9.54 8.12
CA GLU A 114 31.50 -9.59 7.22
C GLU A 114 31.22 -10.60 6.11
N ASN A 115 31.06 -10.11 4.87
CA ASN A 115 30.65 -10.92 3.70
C ASN A 115 31.89 -11.42 2.95
N PHE A 116 32.05 -12.74 2.83
CA PHE A 116 33.12 -13.42 2.04
C PHE A 116 32.51 -14.10 0.79
N LYS A 117 33.33 -14.84 0.02
CA LYS A 117 32.99 -15.36 -1.35
C LYS A 117 31.73 -16.23 -1.34
N ASP A 118 31.48 -16.99 -0.28
CA ASP A 118 30.36 -17.97 -0.22
C ASP A 118 29.84 -18.11 1.21
N TYR A 119 30.06 -17.10 2.06
CA TYR A 119 29.69 -17.14 3.49
C TYR A 119 29.86 -15.75 4.13
N SER A 120 29.29 -15.63 5.33
CA SER A 120 29.29 -14.37 6.12
C SER A 120 29.61 -14.68 7.59
N LEU A 121 30.37 -13.79 8.23
CA LEU A 121 30.67 -13.83 9.69
C LEU A 121 29.78 -12.77 10.32
N ILE A 122 28.91 -13.19 11.23
CA ILE A 122 27.90 -12.32 11.90
C ILE A 122 28.37 -12.06 13.34
N SER A 123 28.51 -10.79 13.72
CA SER A 123 28.88 -10.30 15.08
C SER A 123 27.64 -9.81 15.81
N THR A 124 27.54 -10.09 17.10
CA THR A 124 26.39 -9.74 17.96
C THR A 124 26.89 -8.91 19.14
N ARG A 125 25.96 -8.30 19.87
CA ARG A 125 26.26 -7.44 21.05
C ARG A 125 26.69 -8.31 22.25
N SER A 126 26.23 -9.56 22.33
CA SER A 126 26.71 -10.55 23.33
C SER A 126 28.22 -10.80 23.11
N GLY A 127 28.67 -10.71 21.86
CA GLY A 127 30.05 -11.01 21.41
C GLY A 127 30.12 -12.39 20.78
N LYS A 128 29.06 -13.20 20.89
CA LYS A 128 28.92 -14.46 20.12
C LYS A 128 29.08 -14.15 18.64
N THR A 129 29.65 -15.11 17.93
CA THR A 129 29.94 -15.03 16.49
C THR A 129 29.23 -16.22 15.83
N TYR A 130 28.75 -16.04 14.58
CA TYR A 130 28.03 -17.06 13.78
C TYR A 130 28.54 -17.04 12.35
N GLU A 131 28.73 -18.21 11.77
CA GLU A 131 29.12 -18.39 10.35
C GLU A 131 27.91 -18.96 9.60
N ALA A 132 27.55 -18.35 8.47
CA ALA A 132 26.34 -18.74 7.70
C ALA A 132 26.60 -18.57 6.21
N LYS A 133 26.31 -19.61 5.45
CA LYS A 133 26.45 -19.60 3.97
C LYS A 133 25.52 -18.53 3.37
N HIS A 134 24.24 -18.54 3.76
CA HIS A 134 23.20 -17.58 3.30
C HIS A 134 22.69 -16.76 4.48
N VAL A 135 22.55 -15.44 4.27
CA VAL A 135 22.06 -14.52 5.32
C VAL A 135 20.90 -13.73 4.76
N VAL A 136 19.79 -13.71 5.50
CA VAL A 136 18.61 -12.89 5.15
C VAL A 136 18.46 -11.79 6.20
N LEU A 137 18.36 -10.54 5.74
CA LEU A 137 17.97 -9.37 6.60
C LEU A 137 16.47 -9.15 6.49
N ALA A 138 15.77 -9.24 7.62
CA ALA A 138 14.33 -8.96 7.77
C ALA A 138 14.15 -8.06 9.00
N THR A 139 14.90 -6.95 9.03
CA THR A 139 15.10 -6.08 10.21
C THR A 139 14.14 -4.88 10.20
N GLY A 140 13.37 -4.67 9.13
CA GLY A 140 12.41 -3.56 9.09
C GLY A 140 13.08 -2.20 8.98
N PHE A 141 12.34 -1.14 9.32
CA PHE A 141 12.71 0.29 9.13
C PHE A 141 12.76 1.02 10.47
N ASP A 142 13.67 1.99 10.63
CA ASP A 142 13.58 3.07 11.66
C ASP A 142 12.63 4.12 11.08
N ARG A 143 11.55 4.45 11.79
CA ARG A 143 10.55 5.47 11.36
C ARG A 143 10.44 6.58 12.41
N LEU A 144 10.74 7.83 11.99
CA LEU A 144 10.76 9.04 12.87
C LEU A 144 9.40 9.23 13.55
N MET A 145 8.31 8.98 12.82
CA MET A 145 6.90 9.18 13.30
C MET A 145 6.54 8.21 14.43
N ASN A 146 7.25 7.09 14.59
CA ASN A 146 6.84 6.01 15.53
C ASN A 146 6.73 6.58 16.95
N THR A 147 7.56 7.55 17.32
CA THR A 147 7.55 8.21 18.67
C THR A 147 6.20 8.88 18.92
N PHE A 148 5.66 9.62 17.92
CA PHE A 148 4.39 10.38 18.03
C PHE A 148 3.23 9.41 18.27
N LEU A 149 3.36 8.18 17.77
CA LEU A 149 2.37 7.09 17.96
C LEU A 149 2.63 6.42 19.31
N SER A 150 3.90 6.05 19.56
CA SER A 150 4.39 5.36 20.80
C SER A 150 4.02 6.15 22.05
N ASN A 151 4.24 7.47 22.03
CA ASN A 151 4.43 8.30 23.24
C ASN A 151 3.40 9.43 23.30
N PHE A 152 3.36 10.30 22.28
CA PHE A 152 2.71 11.64 22.27
C PHE A 152 1.26 11.58 22.82
N ASP A 153 0.84 12.71 23.44
CA ASP A 153 -0.23 12.82 24.47
C ASP A 153 -1.62 13.02 23.83
N ASN A 154 -2.68 12.53 24.50
CA ASN A 154 -4.08 12.55 24.00
C ASN A 154 -4.91 13.56 24.80
N HIS A 155 -4.29 14.30 25.71
CA HIS A 155 -4.98 15.33 26.53
C HIS A 155 -4.84 16.70 25.84
N VAL A 156 -3.68 16.96 25.22
CA VAL A 156 -3.41 18.18 24.40
C VAL A 156 -4.67 18.53 23.60
N SER A 157 -5.04 19.80 23.59
CA SER A 157 -6.36 20.31 23.11
C SER A 157 -6.23 21.75 22.58
N ASN A 158 -7.04 22.09 21.57
CA ASN A 158 -7.22 23.47 21.03
C ASN A 158 -5.89 24.07 20.55
N LYS A 159 -4.90 23.24 20.28
CA LYS A 159 -3.58 23.73 19.81
C LYS A 159 -3.56 23.68 18.29
N THR A 160 -2.59 24.39 17.70
CA THR A 160 -2.33 24.37 16.25
C THR A 160 -1.11 23.48 16.03
N PHE A 161 -1.21 22.57 15.06
CA PHE A 161 -0.11 21.68 14.59
C PHE A 161 0.17 22.00 13.13
N VAL A 162 1.45 21.99 12.77
CA VAL A 162 1.97 22.19 11.39
C VAL A 162 2.69 20.90 10.99
N PHE A 163 2.19 20.23 9.96
CA PHE A 163 2.86 19.08 9.32
C PHE A 163 3.52 19.54 8.02
N ASP A 164 4.75 19.09 7.81
CA ASP A 164 5.57 19.37 6.61
C ASP A 164 5.27 18.33 5.53
N THR A 165 4.83 17.12 5.91
CA THR A 165 4.56 16.02 4.93
C THR A 165 3.28 15.28 5.33
N MET A 166 2.67 14.61 4.34
CA MET A 166 1.43 13.84 4.49
C MET A 166 1.69 12.38 4.09
N GLY A 167 1.66 11.47 5.05
CA GLY A 167 1.75 10.01 4.85
C GLY A 167 0.72 9.34 5.74
N ASP A 168 0.70 8.00 5.76
CA ASP A 168 -0.28 7.21 6.54
C ASP A 168 -0.08 7.54 8.02
N SER A 169 1.14 7.68 8.54
CA SER A 169 1.37 7.95 10.00
C SER A 169 0.79 9.30 10.41
N ALA A 170 1.10 10.35 9.65
CA ALA A 170 0.61 11.73 9.87
C ALA A 170 -0.91 11.73 9.86
N ASN A 171 -1.52 11.03 8.88
CA ASN A 171 -2.99 10.95 8.74
C ASN A 171 -3.61 10.28 9.95
N LEU A 172 -2.99 9.23 10.52
CA LEU A 172 -3.52 8.55 11.74
C LEU A 172 -3.41 9.49 12.94
N LEU A 173 -2.31 10.25 13.04
CA LEU A 173 -2.08 11.21 14.14
C LEU A 173 -3.14 12.31 14.05
N ILE A 174 -3.38 12.81 12.84
CA ILE A 174 -4.38 13.88 12.56
C ILE A 174 -5.77 13.36 12.99
N ALA A 175 -6.07 12.09 12.71
CA ALA A 175 -7.33 11.43 13.13
C ALA A 175 -7.49 11.47 14.66
N LYS A 176 -6.39 11.37 15.41
CA LYS A 176 -6.45 11.30 16.90
C LYS A 176 -6.51 12.72 17.47
N LEU A 177 -5.98 13.69 16.74
CA LEU A 177 -5.86 15.12 17.19
C LEU A 177 -7.20 15.86 17.03
N ILE A 178 -7.95 15.56 15.97
CA ILE A 178 -9.10 16.38 15.49
C ILE A 178 -10.23 16.37 16.52
N PRO A 179 -10.57 15.23 17.14
CA PRO A 179 -11.63 15.19 18.16
C PRO A 179 -11.33 15.95 19.47
N ASN A 180 -10.17 16.58 19.60
CA ASN A 180 -9.82 17.50 20.71
C ASN A 180 -9.65 18.93 20.15
N ASN A 181 -10.36 19.25 19.07
CA ASN A 181 -10.42 20.61 18.45
C ASN A 181 -9.00 21.15 18.23
N ASN A 182 -8.04 20.25 18.02
CA ASN A 182 -6.73 20.63 17.48
C ASN A 182 -6.95 21.01 16.02
N LYS A 183 -6.28 22.07 15.58
CA LYS A 183 -6.33 22.66 14.23
C LYS A 183 -5.08 22.21 13.48
N ILE A 184 -5.26 21.75 12.23
CA ILE A 184 -4.19 21.08 11.44
C ILE A 184 -3.86 21.96 10.23
N ILE A 185 -2.59 22.29 10.06
CA ILE A 185 -2.08 23.01 8.87
C ILE A 185 -1.08 22.08 8.20
N LEU A 186 -1.35 21.72 6.94
CA LEU A 186 -0.40 20.99 6.06
C LEU A 186 0.30 22.03 5.18
N ARG A 187 1.58 22.23 5.42
CA ARG A 187 2.48 23.02 4.57
C ARG A 187 3.33 22.02 3.79
N THR A 188 2.95 21.68 2.56
CA THR A 188 3.57 20.55 1.81
C THR A 188 3.59 20.83 0.30
N ASN A 189 4.21 19.94 -0.49
CA ASN A 189 4.30 20.06 -1.97
C ASN A 189 3.32 19.06 -2.60
N GLY A 190 2.13 18.95 -2.01
CA GLY A 190 1.02 18.10 -2.46
C GLY A 190 1.06 16.72 -1.84
N PHE A 191 -0.05 15.99 -1.93
CA PHE A 191 -0.12 14.58 -1.47
C PHE A 191 -1.23 13.86 -2.25
N THR A 192 -1.01 12.56 -2.46
CA THR A 192 -1.94 11.62 -3.12
C THR A 192 -2.65 10.83 -2.04
N ALA A 193 -3.93 11.08 -1.83
CA ALA A 193 -4.83 10.34 -0.92
C ALA A 193 -5.84 9.55 -1.75
N LEU A 194 -6.20 8.35 -1.28
CA LEU A 194 -7.20 7.47 -1.95
C LEU A 194 -8.09 6.82 -0.89
N ASP A 195 -9.40 6.88 -1.12
CA ASP A 195 -10.42 6.12 -0.38
C ASP A 195 -9.98 4.65 -0.35
N GLN A 196 -9.83 4.09 0.84
CA GLN A 196 -9.34 2.70 1.02
C GLN A 196 -10.41 1.72 0.54
N GLU A 197 -11.67 2.14 0.54
CA GLU A 197 -12.87 1.36 0.12
C GLU A 197 -13.71 2.16 -0.92
N VAL A 198 -14.29 1.45 -1.88
CA VAL A 198 -15.18 1.97 -2.96
C VAL A 198 -16.46 1.12 -2.97
N GLN A 199 -17.63 1.75 -3.02
CA GLN A 199 -18.93 1.04 -3.11
C GLN A 199 -19.12 0.71 -4.59
N VAL A 200 -19.26 -0.56 -4.94
CA VAL A 200 -19.50 -1.01 -6.34
C VAL A 200 -20.84 -1.73 -6.33
N LEU A 201 -21.82 -1.16 -7.06
CA LEU A 201 -23.26 -1.54 -7.06
C LEU A 201 -23.70 -1.87 -5.64
N GLY A 202 -23.38 -1.01 -4.67
CA GLY A 202 -23.80 -1.15 -3.27
C GLY A 202 -22.90 -2.08 -2.46
N LYS A 203 -21.86 -2.67 -3.07
CA LYS A 203 -20.99 -3.67 -2.40
C LYS A 203 -19.62 -3.03 -2.17
N PRO A 204 -19.04 -3.12 -0.97
CA PRO A 204 -17.74 -2.50 -0.72
C PRO A 204 -16.58 -3.31 -1.33
N PHE A 205 -15.71 -2.65 -2.08
CA PHE A 205 -14.43 -3.18 -2.60
C PHE A 205 -13.30 -2.33 -2.06
N THR A 206 -12.30 -2.94 -1.43
CA THR A 206 -11.03 -2.22 -1.11
C THR A 206 -10.40 -1.82 -2.43
N LEU A 207 -9.69 -0.70 -2.47
CA LEU A 207 -9.15 -0.14 -3.74
C LEU A 207 -8.22 -1.14 -4.45
N ASP A 208 -7.52 -2.00 -3.71
CA ASP A 208 -6.54 -3.03 -4.20
C ASP A 208 -7.24 -4.08 -5.07
N GLN A 209 -8.54 -4.29 -4.86
CA GLN A 209 -9.35 -5.28 -5.62
C GLN A 209 -9.78 -4.73 -6.97
N LEU A 210 -9.52 -3.47 -7.28
CA LEU A 210 -10.04 -2.77 -8.49
C LEU A 210 -8.91 -2.32 -9.43
N GLU A 211 -7.73 -2.93 -9.36
CA GLU A 211 -6.51 -2.44 -10.09
C GLU A 211 -6.20 -3.33 -11.30
N SER A 212 -6.79 -4.52 -11.39
CA SER A 212 -6.68 -5.46 -12.54
C SER A 212 -5.34 -5.28 -13.27
N PRO A 213 -4.22 -5.43 -12.57
CA PRO A 213 -2.91 -5.01 -13.10
C PRO A 213 -2.36 -5.70 -14.35
N ASN A 214 -2.69 -6.96 -14.57
CA ASN A 214 -2.25 -7.71 -15.78
C ASN A 214 -2.81 -7.06 -17.06
N PHE A 215 -3.73 -6.10 -16.98
CA PHE A 215 -4.16 -5.30 -18.18
C PHE A 215 -2.98 -4.44 -18.69
N ARG A 216 -1.90 -4.25 -17.91
CA ARG A 216 -0.66 -3.60 -18.44
C ARG A 216 -0.12 -4.38 -19.66
N TYR A 217 -0.28 -5.70 -19.71
CA TYR A 217 0.28 -6.57 -20.78
C TYR A 217 -0.44 -6.31 -22.11
N VAL A 218 -1.68 -5.82 -22.02
CA VAL A 218 -2.53 -5.49 -23.20
C VAL A 218 -1.96 -4.21 -23.83
N SER A 219 -1.80 -3.16 -23.03
CA SER A 219 -1.06 -1.93 -23.43
C SER A 219 -0.87 -1.03 -22.20
N SER A 220 0.30 -0.40 -22.10
CA SER A 220 0.65 0.47 -20.95
C SER A 220 -0.23 1.72 -20.99
N GLU A 221 -0.56 2.18 -22.20
CA GLU A 221 -1.41 3.36 -22.47
C GLU A 221 -2.82 3.10 -21.93
N LEU A 222 -3.39 1.95 -22.26
CA LEU A 222 -4.73 1.52 -21.74
C LEU A 222 -4.65 1.43 -20.21
N TYR A 223 -3.64 0.76 -19.66
CA TYR A 223 -3.55 0.60 -18.18
C TYR A 223 -3.47 1.99 -17.52
N ASP A 224 -2.61 2.84 -18.06
CA ASP A 224 -2.42 4.23 -17.59
C ASP A 224 -3.75 5.01 -17.51
N ARG A 225 -4.54 5.07 -18.59
CA ARG A 225 -5.77 5.92 -18.58
C ARG A 225 -6.86 5.31 -17.67
N LEU A 226 -6.81 3.99 -17.44
CA LEU A 226 -7.71 3.26 -16.50
C LEU A 226 -7.39 3.63 -15.05
N MET A 227 -6.14 3.95 -14.74
CA MET A 227 -5.67 4.00 -13.32
C MET A 227 -5.44 5.44 -12.84
N MET A 228 -4.92 6.32 -13.67
CA MET A 228 -4.17 7.51 -13.21
C MET A 228 -5.03 8.77 -13.02
N SER A 229 -6.26 8.88 -13.53
CA SER A 229 -7.08 10.12 -13.42
C SER A 229 -7.32 10.54 -11.96
N PRO A 230 -7.36 9.65 -10.93
CA PRO A 230 -7.46 10.10 -9.54
C PRO A 230 -6.18 10.70 -8.97
N VAL A 231 -5.05 10.52 -9.67
CA VAL A 231 -3.67 10.85 -9.22
C VAL A 231 -3.19 12.10 -9.96
N TYR A 232 -3.16 12.05 -11.29
CA TYR A 232 -2.81 13.20 -12.16
C TYR A 232 -4.07 14.02 -12.40
N PRO A 233 -3.97 15.36 -12.46
CA PRO A 233 -5.13 16.24 -12.57
C PRO A 233 -5.63 16.30 -14.02
N ARG A 234 -6.35 15.26 -14.44
CA ARG A 234 -6.77 15.02 -15.85
C ARG A 234 -8.23 15.44 -16.05
N THR A 235 -9.07 15.46 -15.00
CA THR A 235 -10.51 15.84 -15.06
C THR A 235 -10.72 17.25 -14.50
N VAL A 236 -11.62 18.03 -15.09
CA VAL A 236 -12.04 19.35 -14.51
C VAL A 236 -13.36 19.14 -13.76
N ASN A 237 -13.77 17.91 -13.52
CA ASN A 237 -14.99 17.65 -12.71
C ASN A 237 -14.84 18.42 -11.39
N PRO A 238 -15.74 19.38 -11.06
CA PRO A 238 -15.51 20.23 -9.90
C PRO A 238 -15.77 19.51 -8.57
N ALA A 239 -16.18 18.24 -8.60
CA ALA A 239 -16.43 17.42 -7.39
C ALA A 239 -15.12 16.81 -6.86
N VAL A 240 -14.01 16.84 -7.62
CA VAL A 240 -12.77 16.12 -7.21
C VAL A 240 -11.94 17.06 -6.33
N SER A 241 -11.36 16.51 -5.26
CA SER A 241 -10.52 17.24 -4.26
C SER A 241 -9.40 18.00 -4.96
N TYR A 242 -8.75 17.45 -5.99
CA TYR A 242 -7.59 18.14 -6.63
C TYR A 242 -8.06 19.34 -7.49
N ASN A 243 -9.37 19.59 -7.58
CA ASN A 243 -9.96 20.78 -8.24
C ASN A 243 -10.48 21.75 -7.14
N GLN A 244 -11.16 21.25 -6.10
CA GLN A 244 -11.65 22.09 -4.98
C GLN A 244 -10.47 22.64 -4.15
N PHE A 245 -9.35 21.90 -4.07
CA PHE A 245 -8.18 22.20 -3.21
C PHE A 245 -6.86 21.97 -3.96
N PRO A 246 -6.54 22.83 -4.95
CA PRO A 246 -5.39 22.64 -5.83
C PRO A 246 -4.01 22.45 -5.17
N LEU A 247 -3.87 22.80 -3.89
CA LEU A 247 -2.59 22.70 -3.15
C LEU A 247 -2.19 21.22 -3.00
N ILE A 248 -3.18 20.31 -2.91
CA ILE A 248 -2.95 18.84 -2.76
C ILE A 248 -2.25 18.30 -4.00
N ARG A 249 -2.19 19.07 -5.09
CA ARG A 249 -1.52 18.61 -6.35
C ARG A 249 -0.02 18.53 -6.12
N ARG A 250 0.62 17.57 -6.78
CA ARG A 250 2.06 17.24 -6.61
C ARG A 250 2.78 17.61 -7.90
N ASP A 251 4.09 17.79 -7.82
CA ASP A 251 4.96 17.89 -9.03
C ASP A 251 5.39 16.47 -9.38
N PHE A 252 4.94 15.98 -10.55
CA PHE A 252 5.19 14.60 -11.04
C PHE A 252 6.17 14.61 -12.21
N SER A 253 6.89 15.72 -12.41
CA SER A 253 7.87 15.87 -13.53
C SER A 253 9.01 14.85 -13.40
N TRP A 254 9.28 14.32 -12.20
CA TRP A 254 10.32 13.29 -11.95
C TRP A 254 10.04 11.99 -12.76
N VAL A 255 8.80 11.71 -13.12
CA VAL A 255 8.35 10.38 -13.65
C VAL A 255 8.83 10.23 -15.10
N ASP A 256 9.64 9.21 -15.38
CA ASP A 256 10.22 8.93 -16.73
C ASP A 256 10.05 7.45 -17.06
N SER A 257 8.83 6.94 -17.07
CA SER A 257 8.52 5.51 -17.31
C SER A 257 7.13 5.38 -17.92
N LYS A 258 6.98 4.45 -18.87
CA LYS A 258 5.67 4.10 -19.47
C LYS A 258 4.84 3.25 -18.49
N SER A 259 5.47 2.64 -17.46
CA SER A 259 4.79 1.78 -16.46
C SER A 259 4.07 2.67 -15.44
N SER A 260 2.75 2.62 -15.45
CA SER A 260 1.84 3.37 -14.54
C SER A 260 1.04 2.37 -13.73
N PRO A 261 0.67 2.67 -12.47
CA PRO A 261 1.29 3.77 -11.72
C PRO A 261 2.78 3.53 -11.51
N PRO A 262 3.61 4.59 -11.44
CA PRO A 262 5.05 4.38 -11.49
C PRO A 262 5.57 3.92 -10.12
N ASN A 263 6.64 3.12 -10.12
CA ASN A 263 7.42 2.86 -8.88
C ASN A 263 7.79 4.23 -8.30
N GLY A 264 7.74 4.38 -6.99
CA GLY A 264 8.13 5.63 -6.34
C GLY A 264 6.94 6.51 -6.02
N LEU A 265 5.75 6.16 -6.49
CA LEU A 265 4.50 6.87 -6.13
C LEU A 265 4.01 6.33 -4.80
N ILE A 266 3.73 7.24 -3.86
CA ILE A 266 3.15 6.89 -2.54
C ILE A 266 1.78 7.54 -2.39
N ALA A 267 0.83 6.85 -1.76
CA ALA A 267 -0.52 7.37 -1.47
C ALA A 267 -0.86 7.14 0.01
N ILE A 268 -1.67 8.02 0.59
CA ILE A 268 -2.31 7.69 1.89
C ILE A 268 -3.70 7.10 1.60
N LYS A 269 -4.04 6.02 2.28
CA LYS A 269 -5.34 5.36 2.11
C LYS A 269 -6.15 5.71 3.33
N TYR A 270 -7.40 6.12 3.16
CA TYR A 270 -8.23 6.68 4.25
C TYR A 270 -9.67 6.20 4.14
N TRP A 271 -10.35 6.12 5.28
CA TRP A 271 -11.81 5.84 5.34
C TRP A 271 -12.58 7.05 4.82
N PRO A 272 -13.29 6.98 3.66
CA PRO A 272 -14.19 8.06 3.31
C PRO A 272 -15.36 7.93 4.31
N ILE A 273 -15.91 9.05 4.79
CA ILE A 273 -17.00 9.04 5.83
C ILE A 273 -18.23 8.21 5.41
N ASP A 274 -18.66 8.25 4.13
CA ASP A 274 -19.82 7.42 3.70
C ASP A 274 -19.60 5.94 4.00
N GLN A 275 -18.46 5.37 3.61
CA GLN A 275 -18.13 3.94 3.88
C GLN A 275 -17.96 3.72 5.39
N TYR A 276 -17.33 4.63 6.10
CA TYR A 276 -17.17 4.48 7.58
C TYR A 276 -18.57 4.26 8.18
N TYR A 277 -19.52 5.10 7.78
CA TYR A 277 -20.93 5.07 8.26
C TYR A 277 -21.51 3.68 7.97
N TYR A 278 -21.40 3.21 6.73
CA TYR A 278 -22.04 1.94 6.30
C TYR A 278 -21.56 0.81 7.21
N HIS A 279 -20.29 0.84 7.62
CA HIS A 279 -19.64 -0.26 8.38
C HIS A 279 -20.01 -0.20 9.87
N PHE A 280 -20.04 0.99 10.47
CA PHE A 280 -19.83 1.15 11.93
C PHE A 280 -20.99 1.88 12.61
N ASN A 281 -21.89 2.56 11.86
CA ASN A 281 -22.97 3.41 12.44
C ASN A 281 -23.73 2.63 13.52
N ASP A 282 -23.89 1.32 13.32
CA ASP A 282 -24.83 0.42 14.06
C ASP A 282 -24.33 0.07 15.46
N ASP A 283 -23.04 0.24 15.76
CA ASP A 283 -22.42 -0.18 17.06
C ASP A 283 -21.15 0.66 17.29
N LEU A 284 -21.32 2.00 17.29
CA LEU A 284 -20.26 3.01 17.00
C LEU A 284 -19.13 2.91 18.03
N GLU A 285 -19.44 3.17 19.30
CA GLU A 285 -18.45 3.31 20.41
C GLU A 285 -17.57 2.07 20.47
N ASN A 286 -18.20 0.90 20.38
CA ASN A 286 -17.55 -0.43 20.45
C ASN A 286 -16.61 -0.61 19.25
N TYR A 287 -16.98 -0.11 18.06
CA TYR A 287 -16.12 -0.16 16.83
C TYR A 287 -14.93 0.78 17.02
N ILE A 288 -15.17 1.98 17.51
CA ILE A 288 -14.09 2.97 17.80
C ILE A 288 -13.13 2.37 18.85
N SER A 289 -13.68 1.73 19.88
CA SER A 289 -12.88 1.16 20.98
C SER A 289 -11.96 0.06 20.44
N LYS A 290 -12.35 -0.60 19.33
CA LYS A 290 -11.56 -1.69 18.67
C LYS A 290 -10.43 -1.15 17.78
N GLY A 291 -10.45 0.14 17.42
CA GLY A 291 -9.42 0.82 16.61
C GLY A 291 -9.90 1.25 15.22
N TYR A 292 -11.21 1.19 14.94
CA TYR A 292 -11.76 1.74 13.67
C TYR A 292 -12.01 3.24 13.84
N LEU A 293 -11.01 4.03 13.45
CA LEU A 293 -10.96 5.49 13.64
C LEU A 293 -11.30 6.20 12.31
N LEU A 294 -12.13 7.23 12.33
CA LEU A 294 -12.44 8.01 11.11
C LEU A 294 -11.25 8.89 10.77
N ASN A 295 -10.66 8.69 9.58
CA ASN A 295 -9.44 9.42 9.13
C ASN A 295 -9.65 10.05 7.74
N ASP A 296 -10.83 10.63 7.50
CA ASP A 296 -11.24 11.16 6.17
C ASP A 296 -10.61 12.53 5.96
N ILE A 297 -9.43 12.54 5.38
CA ILE A 297 -8.67 13.79 5.10
C ILE A 297 -9.57 14.72 4.25
N ALA A 298 -10.32 14.17 3.29
CA ALA A 298 -11.17 14.98 2.36
C ALA A 298 -12.31 15.60 3.18
N MET A 299 -12.87 14.86 4.14
CA MET A 299 -13.91 15.42 5.04
C MET A 299 -13.28 16.51 5.90
N TRP A 300 -11.99 16.39 6.23
CA TRP A 300 -11.27 17.38 7.07
C TRP A 300 -11.09 18.67 6.29
N LEU A 301 -10.66 18.59 5.03
CA LEU A 301 -10.48 19.78 4.13
C LEU A 301 -11.83 20.46 3.87
N HIS A 302 -12.88 19.66 3.67
CA HIS A 302 -14.29 20.12 3.48
C HIS A 302 -14.73 20.95 4.70
N THR A 303 -14.68 20.36 5.90
CA THR A 303 -15.15 21.01 7.15
C THR A 303 -14.11 22.00 7.71
N GLY A 304 -12.95 22.16 7.07
CA GLY A 304 -11.92 23.13 7.48
C GLY A 304 -11.11 22.72 8.73
N LYS A 305 -11.33 21.52 9.29
CA LYS A 305 -10.55 21.00 10.45
C LYS A 305 -9.07 20.80 10.05
N VAL A 306 -8.80 20.61 8.77
CA VAL A 306 -7.44 20.68 8.19
C VAL A 306 -7.49 21.76 7.11
N ILE A 307 -6.42 22.55 6.95
CA ILE A 307 -6.27 23.53 5.83
C ILE A 307 -4.93 23.27 5.17
N LEU A 308 -4.84 23.43 3.84
CA LEU A 308 -3.55 23.37 3.11
C LEU A 308 -3.05 24.80 2.90
N VAL A 309 -1.75 25.05 3.01
CA VAL A 309 -1.16 26.38 2.71
C VAL A 309 0.03 26.11 1.82
N PRO A 310 0.47 27.10 1.01
CA PRO A 310 1.61 26.89 0.12
C PRO A 310 2.86 26.31 0.81
N SER A 311 3.68 25.59 0.03
CA SER A 311 4.89 24.86 0.48
C SER A 311 5.87 25.85 1.11
N ASP A 312 5.93 27.07 0.56
CA ASP A 312 6.93 28.12 0.92
C ASP A 312 6.31 29.13 1.89
N THR A 313 5.24 28.77 2.60
CA THR A 313 4.58 29.70 3.56
C THR A 313 5.58 29.99 4.68
N PRO A 314 5.93 31.27 4.94
CA PRO A 314 6.97 31.60 5.91
C PRO A 314 6.65 31.17 7.35
N ILE A 315 7.67 30.60 7.99
CA ILE A 315 7.59 29.95 9.34
C ILE A 315 8.85 30.36 10.11
N ASN A 316 8.68 30.81 11.35
CA ASN A 316 9.79 31.14 12.29
C ASN A 316 9.74 30.15 13.47
N PHE A 317 10.71 29.24 13.54
CA PHE A 317 10.79 28.18 14.57
C PHE A 317 11.17 28.81 15.92
N ASP A 318 12.04 29.83 15.90
CA ASP A 318 12.47 30.58 17.11
C ASP A 318 11.25 31.03 17.92
N LYS A 319 10.22 31.58 17.27
CA LYS A 319 9.02 32.17 17.96
C LYS A 319 7.80 31.26 17.77
N LYS A 320 7.95 30.16 17.03
CA LYS A 320 6.91 29.12 16.82
C LYS A 320 5.66 29.79 16.24
N THR A 321 5.82 30.37 15.07
CA THR A 321 4.78 31.11 14.30
C THR A 321 4.91 30.80 12.81
N ILE A 322 3.77 30.67 12.14
CA ILE A 322 3.66 30.50 10.66
C ILE A 322 2.85 31.69 10.14
N THR A 323 3.33 32.32 9.07
CA THR A 323 2.76 33.57 8.48
C THR A 323 1.97 33.22 7.21
N TYR A 324 0.63 33.14 7.34
CA TYR A 324 -0.35 32.90 6.24
C TYR A 324 -1.66 33.64 6.56
N ALA A 325 -2.25 34.24 5.51
CA ALA A 325 -3.43 35.14 5.55
C ALA A 325 -3.08 36.39 6.36
N GLY A 326 -1.86 36.93 6.17
CA GLY A 326 -1.36 38.14 6.85
C GLY A 326 -1.31 37.99 8.36
N ILE A 327 -1.60 36.79 8.88
CA ILE A 327 -1.61 36.44 10.33
C ILE A 327 -0.31 35.69 10.63
N GLU A 328 0.49 36.21 11.56
CA GLU A 328 1.54 35.44 12.29
C GLU A 328 0.80 34.53 13.29
N ARG A 329 0.85 33.22 13.03
CA ARG A 329 0.04 32.18 13.71
C ARG A 329 0.96 31.31 14.58
N SER A 330 0.56 31.07 15.82
CA SER A 330 1.37 30.36 16.84
C SER A 330 0.92 28.88 16.91
N PHE A 331 1.87 27.95 16.85
CA PHE A 331 1.56 26.50 16.84
C PHE A 331 2.29 25.81 18.01
N HIS A 332 1.66 24.78 18.60
CA HIS A 332 2.26 23.92 19.65
C HIS A 332 3.38 23.06 19.06
N GLN A 333 3.21 22.46 17.87
CA GLN A 333 4.22 21.52 17.35
C GLN A 333 4.33 21.56 15.82
N TYR A 334 5.57 21.63 15.31
CA TYR A 334 5.91 21.38 13.89
C TYR A 334 6.29 19.91 13.78
N VAL A 335 5.60 19.16 12.92
CA VAL A 335 5.91 17.74 12.64
C VAL A 335 6.73 17.66 11.34
N LYS A 336 8.03 17.40 11.48
CA LYS A 336 9.03 17.36 10.39
C LYS A 336 8.50 16.54 9.22
N GLY A 337 8.17 15.27 9.44
CA GLY A 337 7.65 14.39 8.39
C GLY A 337 8.47 13.11 8.23
N ASP A 338 7.75 11.98 8.16
CA ASP A 338 8.25 10.58 8.18
C ASP A 338 9.30 10.36 7.09
N ALA A 339 10.58 10.40 7.46
CA ALA A 339 11.69 9.73 6.74
C ALA A 339 11.81 8.30 7.31
N GLU A 340 12.08 7.30 6.47
CA GLU A 340 12.19 5.89 6.91
C GLU A 340 13.45 5.27 6.26
N GLN A 341 14.22 4.53 7.05
CA GLN A 341 15.55 3.99 6.67
C GLN A 341 15.60 2.51 7.05
N PRO A 342 15.99 1.60 6.13
CA PRO A 342 16.14 0.19 6.48
C PRO A 342 17.15 0.06 7.62
N ARG A 343 16.83 -0.74 8.63
CA ARG A 343 17.67 -1.02 9.83
C ARG A 343 18.70 -2.08 9.46
N LEU A 344 19.68 -1.75 8.62
CA LEU A 344 20.76 -2.66 8.20
C LEU A 344 21.89 -2.50 9.21
N PRO A 345 22.50 -3.61 9.69
CA PRO A 345 23.76 -3.50 10.43
C PRO A 345 24.83 -3.11 9.41
N THR A 346 26.03 -2.72 9.85
CA THR A 346 27.22 -2.53 8.97
C THR A 346 27.47 -3.85 8.23
N ILE A 347 27.56 -3.80 6.91
CA ILE A 347 27.93 -4.97 6.07
C ILE A 347 29.31 -4.68 5.43
N LEU A 348 30.32 -5.53 5.68
CA LEU A 348 31.69 -5.30 5.11
C LEU A 348 31.90 -6.23 3.92
N ILE A 349 32.04 -5.65 2.72
CA ILE A 349 32.27 -6.39 1.44
C ILE A 349 33.64 -7.06 1.52
N ASN A 350 33.73 -8.35 1.17
CA ASN A 350 35.00 -9.14 1.18
C ASN A 350 35.74 -8.84 2.49
N GLY A 351 35.01 -8.61 3.58
CA GLY A 351 35.52 -8.46 4.96
C GLY A 351 35.98 -7.05 5.31
N GLU A 352 35.95 -6.09 4.37
CA GLU A 352 36.72 -4.81 4.45
C GLU A 352 35.85 -3.59 4.13
N THR A 353 35.31 -3.47 2.92
CA THR A 353 34.66 -2.21 2.44
C THR A 353 33.20 -2.17 2.86
N PRO A 354 32.74 -1.06 3.47
CA PRO A 354 31.34 -0.96 3.89
C PRO A 354 30.44 -0.92 2.65
N PHE A 355 29.45 -1.80 2.64
CA PHE A 355 28.35 -1.84 1.65
C PHE A 355 27.52 -0.57 1.83
N GLU A 356 27.08 0.05 0.72
CA GLU A 356 26.15 1.20 0.76
C GLU A 356 24.81 0.75 0.16
N TYR A 357 23.75 0.85 0.97
CA TYR A 357 22.38 0.45 0.58
C TYR A 357 21.75 1.53 -0.31
N LEU A 358 21.27 1.11 -1.47
CA LEU A 358 20.36 1.90 -2.35
C LEU A 358 19.42 0.91 -3.04
N TYR A 359 18.10 1.13 -2.92
CA TYR A 359 17.03 0.23 -3.42
C TYR A 359 17.31 -0.17 -4.88
N ARG A 360 17.52 0.81 -5.74
CA ARG A 360 17.74 0.62 -7.21
C ARG A 360 18.95 -0.28 -7.50
N ASP A 361 19.90 -0.38 -6.57
CA ASP A 361 21.11 -1.22 -6.77
C ASP A 361 20.84 -2.66 -6.29
N THR A 362 19.62 -3.01 -5.85
CA THR A 362 19.29 -4.42 -5.51
C THR A 362 18.38 -4.98 -6.62
N PHE A 363 18.40 -6.31 -6.86
CA PHE A 363 17.44 -6.92 -7.78
C PHE A 363 16.15 -7.19 -7.01
N MET A 364 15.05 -6.64 -7.51
CA MET A 364 13.65 -6.79 -7.00
C MET A 364 13.60 -6.38 -5.52
N GLY A 365 14.53 -5.54 -5.04
CA GLY A 365 14.60 -5.06 -3.66
C GLY A 365 15.19 -6.12 -2.74
N VAL A 366 15.61 -7.26 -3.29
CA VAL A 366 16.02 -8.46 -2.52
C VAL A 366 17.52 -8.70 -2.66
N ILE A 367 18.05 -8.69 -3.89
CA ILE A 367 19.46 -9.16 -4.06
C ILE A 367 20.37 -7.97 -4.28
N PRO A 368 21.20 -7.60 -3.28
CA PRO A 368 22.21 -6.54 -3.42
C PRO A 368 23.43 -7.02 -4.24
N GLN A 369 24.16 -6.09 -4.85
CA GLN A 369 25.36 -6.38 -5.68
C GLN A 369 26.62 -6.38 -4.81
N ARG A 370 27.62 -7.16 -5.21
CA ARG A 370 28.98 -7.18 -4.60
C ARG A 370 28.94 -7.79 -3.19
N LEU A 371 27.79 -8.36 -2.78
CA LEU A 371 27.62 -9.25 -1.61
C LEU A 371 27.27 -10.65 -2.14
N ASN A 372 27.64 -11.71 -1.44
CA ASN A 372 27.33 -13.09 -1.86
C ASN A 372 26.42 -13.71 -0.81
N ASN A 373 25.31 -14.29 -1.26
CA ASN A 373 24.40 -15.08 -0.40
C ASN A 373 23.85 -14.20 0.73
N ILE A 374 23.56 -12.93 0.44
CA ILE A 374 22.85 -12.01 1.38
C ILE A 374 21.59 -11.50 0.67
N TYR A 375 20.44 -11.61 1.32
CA TYR A 375 19.10 -11.26 0.76
C TYR A 375 18.37 -10.33 1.73
N PHE A 376 17.62 -9.40 1.16
CA PHE A 376 16.81 -8.37 1.87
C PHE A 376 15.33 -8.73 1.73
N LEU A 377 14.69 -8.86 2.88
CA LEU A 377 13.26 -9.31 3.01
C LEU A 377 12.49 -8.24 3.79
N GLY A 378 11.56 -7.53 3.13
CA GLY A 378 10.70 -6.55 3.81
C GLY A 378 11.06 -5.09 3.51
N TYR A 379 11.90 -4.80 2.54
CA TYR A 379 12.36 -3.41 2.31
C TYR A 379 11.70 -2.83 1.06
N THR A 380 10.83 -3.61 0.40
CA THR A 380 9.91 -3.18 -0.69
C THR A 380 8.53 -2.82 -0.08
N ARG A 381 7.99 -1.64 -0.36
CA ARG A 381 6.70 -1.14 0.18
C ARG A 381 5.69 -1.21 -0.95
N PRO A 382 4.48 -1.77 -0.70
CA PRO A 382 3.43 -1.83 -1.71
C PRO A 382 2.73 -0.47 -1.85
N PHE A 383 2.38 -0.08 -3.08
CA PHE A 383 1.68 1.20 -3.35
C PHE A 383 0.31 1.17 -2.69
N THR A 384 -0.37 0.02 -2.74
CA THR A 384 -1.70 -0.19 -2.09
C THR A 384 -1.73 -1.59 -1.51
N GLY A 385 -2.71 -1.87 -0.68
CA GLY A 385 -2.82 -3.16 0.00
C GLY A 385 -1.71 -3.32 1.02
N GLY A 386 -1.71 -4.46 1.73
CA GLY A 386 -0.80 -4.68 2.85
C GLY A 386 0.53 -5.24 2.36
N LEU A 387 1.50 -5.28 3.26
CA LEU A 387 2.89 -5.72 3.03
C LEU A 387 2.91 -7.23 2.78
N ALA A 388 2.00 -8.00 3.42
CA ALA A 388 1.95 -9.46 3.31
C ALA A 388 2.13 -9.88 1.83
N ASN A 389 1.49 -9.21 0.88
CA ASN A 389 1.55 -9.65 -0.54
C ASN A 389 3.00 -9.61 -1.00
N ILE A 390 3.74 -8.56 -0.61
CA ILE A 390 5.15 -8.33 -1.03
C ILE A 390 6.04 -9.37 -0.35
N THR A 391 6.00 -9.42 0.98
CA THR A 391 6.93 -10.28 1.77
C THR A 391 6.68 -11.76 1.47
N GLU A 392 5.44 -12.14 1.21
CA GLU A 392 5.10 -13.54 0.89
C GLU A 392 5.83 -13.92 -0.41
N MET A 393 5.77 -13.08 -1.43
CA MET A 393 6.40 -13.41 -2.73
C MET A 393 7.93 -13.33 -2.57
N GLN A 394 8.44 -12.33 -1.86
CA GLN A 394 9.90 -12.18 -1.64
C GLN A 394 10.41 -13.43 -0.93
N SER A 395 9.63 -14.00 0.00
CA SER A 395 9.98 -15.22 0.78
C SER A 395 10.13 -16.41 -0.17
N LEU A 396 9.25 -16.54 -1.18
CA LEU A 396 9.31 -17.69 -2.10
C LEU A 396 10.56 -17.52 -2.97
N PHE A 397 10.87 -16.29 -3.38
CA PHE A 397 12.02 -15.95 -4.26
C PHE A 397 13.31 -16.29 -3.52
N ILE A 398 13.41 -15.86 -2.28
CA ILE A 398 14.61 -16.11 -1.44
C ILE A 398 14.74 -17.62 -1.17
N HIS A 399 13.64 -18.26 -0.80
CA HIS A 399 13.63 -19.72 -0.54
C HIS A 399 14.17 -20.46 -1.76
N LYS A 400 13.75 -20.11 -2.97
CA LYS A 400 14.16 -20.81 -4.20
C LYS A 400 15.64 -20.53 -4.47
N LEU A 401 16.10 -19.30 -4.20
CA LEU A 401 17.53 -18.90 -4.41
C LEU A 401 18.44 -19.68 -3.44
N ILE A 402 17.98 -19.89 -2.20
CA ILE A 402 18.78 -20.55 -1.13
C ILE A 402 18.85 -22.07 -1.33
N THR A 403 17.74 -22.71 -1.69
CA THR A 403 17.62 -24.19 -1.78
C THR A 403 17.90 -24.74 -3.20
N GLN A 404 17.81 -23.96 -4.27
CA GLN A 404 17.95 -24.49 -5.66
C GLN A 404 19.12 -23.80 -6.37
N PRO A 405 20.32 -24.41 -6.32
CA PRO A 405 21.52 -23.81 -6.90
C PRO A 405 21.38 -23.39 -8.37
N GLN A 406 20.64 -24.15 -9.18
CA GLN A 406 20.35 -23.86 -10.62
C GLN A 406 19.62 -22.52 -10.74
N PHE A 407 18.62 -22.28 -9.88
CA PHE A 407 17.86 -21.02 -9.85
C PHE A 407 18.79 -19.89 -9.37
N HIS A 408 19.56 -20.11 -8.31
CA HIS A 408 20.59 -19.14 -7.84
C HIS A 408 21.48 -18.69 -9.01
N GLN A 409 22.04 -19.63 -9.78
CA GLN A 409 22.97 -19.37 -10.91
C GLN A 409 22.22 -18.59 -12.02
N LYS A 410 21.00 -19.02 -12.34
CA LYS A 410 20.14 -18.41 -13.42
C LYS A 410 19.89 -16.91 -13.12
N ILE A 411 19.64 -16.56 -11.87
CA ILE A 411 19.38 -15.13 -11.49
C ILE A 411 20.72 -14.37 -11.40
N HIS A 412 21.72 -14.97 -10.77
CA HIS A 412 22.99 -14.29 -10.38
C HIS A 412 23.89 -14.07 -11.62
N GLN A 413 23.87 -14.98 -12.58
CA GLN A 413 24.77 -14.99 -13.76
C GLN A 413 24.77 -13.60 -14.42
N ASN A 414 23.59 -13.04 -14.60
CA ASN A 414 23.39 -11.76 -15.31
C ASN A 414 22.77 -10.73 -14.35
N LEU A 415 23.05 -10.83 -13.04
CA LEU A 415 22.37 -9.99 -12.02
C LEU A 415 22.44 -8.53 -12.48
N SER A 416 23.64 -8.05 -12.78
CA SER A 416 23.94 -6.65 -13.16
C SER A 416 23.02 -6.18 -14.30
N LYS A 417 22.80 -7.01 -15.31
CA LYS A 417 22.00 -6.59 -16.49
C LYS A 417 20.50 -6.69 -16.17
N ARG A 418 20.06 -7.63 -15.31
CA ARG A 418 18.65 -7.73 -14.87
C ARG A 418 18.28 -6.41 -14.16
N ILE A 419 19.13 -6.00 -13.20
CA ILE A 419 18.98 -4.73 -12.44
C ILE A 419 18.88 -3.54 -13.42
N THR A 420 19.84 -3.39 -14.34
CA THR A 420 19.80 -2.32 -15.38
C THR A 420 18.46 -2.35 -16.15
N ALA A 421 18.05 -3.54 -16.61
CA ALA A 421 16.82 -3.70 -17.41
C ALA A 421 15.59 -3.37 -16.56
N TYR A 422 15.59 -3.72 -15.27
CA TYR A 422 14.50 -3.42 -14.30
C TYR A 422 14.39 -1.90 -14.17
N ASN A 423 15.51 -1.23 -13.93
CA ASN A 423 15.60 0.24 -13.64
C ASN A 423 15.21 1.02 -14.91
N GLN A 424 15.60 0.57 -16.10
CA GLN A 424 15.17 1.17 -17.40
C GLN A 424 13.65 1.15 -17.50
N HIS A 425 13.05 -0.01 -17.26
CA HIS A 425 11.60 -0.27 -17.43
C HIS A 425 10.79 0.61 -16.47
N TYR A 426 11.16 0.65 -15.18
CA TYR A 426 10.31 1.21 -14.09
C TYR A 426 10.73 2.62 -13.65
N TYR A 427 12.00 3.02 -13.77
CA TYR A 427 12.45 4.36 -13.31
C TYR A 427 12.92 5.24 -14.48
N GLY A 428 13.34 4.62 -15.59
CA GLY A 428 13.97 5.28 -16.75
C GLY A 428 15.18 6.09 -16.33
N ALA A 429 15.26 7.35 -16.78
CA ALA A 429 16.43 8.24 -16.58
C ALA A 429 16.26 9.05 -15.29
N ALA A 430 15.25 8.75 -14.46
CA ALA A 430 14.98 9.51 -13.22
C ALA A 430 16.14 9.32 -12.22
N LYS A 431 16.46 10.33 -11.43
CA LYS A 431 17.49 10.17 -10.39
C LYS A 431 16.93 9.28 -9.29
N PRO A 432 17.75 8.51 -8.56
CA PRO A 432 17.27 7.78 -7.38
C PRO A 432 16.48 8.69 -6.42
N ARG A 433 15.34 8.23 -5.88
CA ARG A 433 14.49 8.97 -4.89
C ARG A 433 14.25 8.14 -3.64
N LYS A 434 13.85 8.80 -2.55
CA LYS A 434 13.74 8.11 -1.24
C LYS A 434 12.57 7.12 -1.30
N HIS A 435 11.65 7.20 -2.25
CA HIS A 435 10.47 6.30 -2.29
C HIS A 435 10.57 5.29 -3.42
N ASP A 436 11.73 5.15 -4.06
CA ASP A 436 12.00 4.14 -5.13
C ASP A 436 11.48 2.77 -4.67
N HIS A 437 11.48 2.50 -3.36
CA HIS A 437 11.14 1.17 -2.78
C HIS A 437 9.65 0.87 -2.91
N THR A 438 8.83 1.81 -3.41
CA THR A 438 7.35 1.68 -3.43
C THR A 438 6.93 1.22 -4.84
N VAL A 439 6.21 0.11 -4.91
CA VAL A 439 5.91 -0.62 -6.17
C VAL A 439 4.41 -0.89 -6.12
N PRO A 440 3.68 -0.79 -7.25
CA PRO A 440 2.34 -1.37 -7.34
C PRO A 440 2.44 -2.87 -7.00
N PHE A 441 1.60 -3.35 -6.08
CA PHE A 441 1.73 -4.70 -5.54
C PHE A 441 1.53 -5.68 -6.69
N GLY A 442 0.67 -5.36 -7.64
CA GLY A 442 0.23 -6.31 -8.66
C GLY A 442 1.20 -6.44 -9.82
N PHE A 443 2.14 -5.51 -9.92
CA PHE A 443 3.33 -5.63 -10.82
C PHE A 443 4.37 -6.49 -10.10
N TYR A 444 4.62 -6.16 -8.86
CA TYR A 444 5.74 -6.79 -8.13
C TYR A 444 5.47 -8.27 -7.92
N THR A 445 4.25 -8.65 -7.45
CA THR A 445 3.94 -10.06 -7.16
C THR A 445 4.04 -10.82 -8.49
N GLU A 446 3.48 -10.24 -9.56
CA GLU A 446 3.51 -10.85 -10.90
C GLU A 446 4.95 -11.01 -11.41
N ASP A 447 5.78 -9.97 -11.26
CA ASP A 447 7.24 -9.98 -11.61
C ASP A 447 7.95 -11.14 -10.88
N ILE A 448 7.78 -11.28 -9.56
CA ILE A 448 8.38 -12.41 -8.76
C ILE A 448 7.86 -13.73 -9.31
N ALA A 449 6.54 -13.83 -9.56
CA ALA A 449 5.89 -15.08 -10.00
C ALA A 449 6.53 -15.55 -11.31
N ARG A 450 6.71 -14.64 -12.29
CA ARG A 450 7.36 -14.97 -13.59
C ARG A 450 8.83 -15.32 -13.36
N LEU A 451 9.52 -14.68 -12.43
CA LEU A 451 10.93 -15.04 -12.16
C LEU A 451 11.00 -16.48 -11.64
N ILE A 452 10.06 -16.86 -10.78
CA ILE A 452 10.06 -18.19 -10.10
C ILE A 452 9.53 -19.26 -11.05
N GLY A 453 8.54 -18.93 -11.90
CA GLY A 453 7.84 -19.87 -12.77
C GLY A 453 6.50 -20.32 -12.20
N ILE A 454 5.93 -19.64 -11.20
CA ILE A 454 4.58 -19.95 -10.63
C ILE A 454 3.52 -18.98 -11.19
N HIS A 455 3.87 -18.21 -12.22
CA HIS A 455 2.92 -17.31 -12.93
C HIS A 455 1.96 -18.14 -13.80
N TYR A 456 0.92 -17.46 -14.29
CA TYR A 456 -0.08 -17.95 -15.27
C TYR A 456 0.23 -17.40 -16.66
N GLN A 457 -0.13 -18.19 -17.66
CA GLN A 457 0.02 -17.86 -19.10
C GLN A 457 -1.35 -17.39 -19.59
N PRO A 458 -1.45 -16.20 -20.19
CA PRO A 458 -2.73 -15.72 -20.70
C PRO A 458 -3.27 -16.64 -21.81
N ASN A 459 -2.35 -17.20 -22.62
CA ASN A 459 -2.69 -18.09 -23.75
C ASN A 459 -3.40 -19.35 -23.22
N GLU A 460 -3.16 -19.74 -21.96
CA GLU A 460 -3.77 -20.95 -21.33
C GLU A 460 -5.21 -20.71 -20.81
N CYS A 461 -5.71 -19.47 -20.80
CA CYS A 461 -7.15 -19.18 -20.52
C CYS A 461 -8.00 -19.84 -21.62
N ARG A 462 -9.06 -20.56 -21.22
CA ARG A 462 -10.00 -21.26 -22.14
C ARG A 462 -11.35 -20.56 -22.16
N SER A 463 -11.91 -20.26 -20.98
CA SER A 463 -13.26 -19.64 -20.85
C SER A 463 -13.15 -18.15 -20.48
N VAL A 464 -14.27 -17.42 -20.56
CA VAL A 464 -14.35 -16.01 -20.10
C VAL A 464 -14.01 -16.00 -18.60
N ARG A 465 -14.53 -16.99 -17.86
CA ARG A 465 -14.23 -17.20 -16.43
C ARG A 465 -12.71 -17.15 -16.21
N ASP A 466 -11.95 -17.88 -17.03
CA ASP A 466 -10.47 -17.97 -16.97
C ASP A 466 -9.86 -16.58 -17.20
N LEU A 467 -10.34 -15.86 -18.19
CA LEU A 467 -9.86 -14.51 -18.55
C LEU A 467 -10.03 -13.55 -17.35
N LEU A 468 -11.16 -13.63 -16.66
CA LEU A 468 -11.44 -12.83 -15.45
C LEU A 468 -10.40 -13.17 -14.37
N PHE A 469 -10.15 -14.46 -14.16
CA PHE A 469 -9.17 -14.92 -13.14
C PHE A 469 -7.81 -14.34 -13.50
N TYR A 470 -7.39 -14.47 -14.75
CA TYR A 470 -6.05 -14.00 -15.19
C TYR A 470 -5.94 -12.48 -15.07
N TYR A 471 -6.85 -11.68 -15.68
CA TYR A 471 -6.76 -10.20 -15.77
C TYR A 471 -7.37 -9.50 -14.54
N ALA A 472 -8.52 -9.95 -14.02
CA ALA A 472 -9.32 -9.16 -13.06
C ALA A 472 -9.09 -9.63 -11.61
N PHE A 473 -8.90 -10.92 -11.36
CA PHE A 473 -8.59 -11.42 -9.99
C PHE A 473 -7.29 -10.79 -9.52
N PRO A 474 -7.30 -10.08 -8.36
CA PRO A 474 -6.14 -9.35 -7.89
C PRO A 474 -4.92 -10.26 -7.74
N ASN A 475 -3.73 -9.73 -8.08
CA ASN A 475 -2.42 -10.44 -8.05
C ASN A 475 -1.89 -10.51 -6.60
N ASN A 476 -2.75 -10.94 -5.67
CA ASN A 476 -2.39 -11.27 -4.28
C ASN A 476 -1.43 -12.45 -4.34
N ALA A 477 -0.51 -12.54 -3.36
CA ALA A 477 0.44 -13.65 -3.23
C ALA A 477 -0.26 -15.02 -3.37
N PHE A 478 -1.43 -15.21 -2.74
CA PHE A 478 -2.08 -16.54 -2.69
C PHE A 478 -2.63 -16.88 -4.10
N LYS A 479 -2.74 -15.91 -5.00
CA LYS A 479 -3.17 -16.19 -6.41
C LYS A 479 -2.16 -17.21 -6.96
N TYR A 480 -0.89 -17.13 -6.56
CA TYR A 480 0.22 -17.90 -7.18
C TYR A 480 0.58 -19.14 -6.35
N ARG A 481 -0.23 -19.45 -5.34
CA ARG A 481 -0.03 -20.64 -4.47
C ARG A 481 -1.24 -21.57 -4.58
N LEU A 482 -1.99 -21.46 -5.68
CA LEU A 482 -3.06 -22.42 -6.06
C LEU A 482 -2.41 -23.77 -6.42
N LYS A 483 -1.42 -23.73 -7.29
CA LYS A 483 -0.78 -24.97 -7.77
C LYS A 483 0.69 -24.69 -8.07
N GLY A 484 1.43 -25.75 -8.40
CA GLY A 484 2.86 -25.69 -8.75
C GLY A 484 3.71 -25.73 -7.51
N GLU A 485 4.91 -25.18 -7.62
CA GLU A 485 6.03 -25.39 -6.68
C GLU A 485 5.69 -24.93 -5.26
N TYR A 486 4.92 -23.85 -5.08
CA TYR A 486 4.67 -23.23 -3.76
C TYR A 486 3.18 -23.33 -3.40
N ALA A 487 2.47 -24.32 -3.94
CA ALA A 487 1.02 -24.56 -3.67
C ALA A 487 0.76 -24.57 -2.15
N VAL A 488 -0.32 -23.91 -1.72
CA VAL A 488 -0.77 -23.97 -0.30
C VAL A 488 -2.13 -24.67 -0.29
N ASP A 489 -2.29 -25.69 0.55
CA ASP A 489 -3.61 -26.38 0.70
C ASP A 489 -4.68 -25.36 1.07
N GLY A 490 -5.82 -25.45 0.39
CA GLY A 490 -7.04 -24.66 0.69
C GLY A 490 -7.12 -23.39 -0.14
N VAL A 491 -6.10 -23.08 -0.94
CA VAL A 491 -6.12 -21.84 -1.79
C VAL A 491 -7.27 -21.93 -2.82
N ASP A 492 -7.54 -23.12 -3.36
CA ASP A 492 -8.66 -23.37 -4.29
C ASP A 492 -9.98 -22.89 -3.68
N GLU A 493 -10.25 -23.25 -2.42
CA GLU A 493 -11.53 -22.89 -1.74
C GLU A 493 -11.51 -21.39 -1.42
N LEU A 494 -10.33 -20.84 -1.07
CA LEU A 494 -10.14 -19.39 -0.80
C LEU A 494 -10.58 -18.61 -2.05
N ILE A 495 -10.04 -18.98 -3.21
CA ILE A 495 -10.27 -18.24 -4.48
C ILE A 495 -11.75 -18.33 -4.84
N GLN A 496 -12.37 -19.50 -4.72
CA GLN A 496 -13.82 -19.67 -4.97
C GLN A 496 -14.61 -18.73 -4.06
N LYS A 497 -14.32 -18.71 -2.76
CA LYS A 497 -14.96 -17.80 -1.77
C LYS A 497 -14.82 -16.36 -2.25
N VAL A 498 -13.60 -15.93 -2.57
CA VAL A 498 -13.34 -14.54 -3.00
C VAL A 498 -14.06 -14.25 -4.32
N ASN A 499 -14.02 -15.17 -5.30
CA ASN A 499 -14.72 -14.97 -6.60
C ASN A 499 -16.23 -14.86 -6.35
N ASP A 500 -16.79 -15.76 -5.54
CA ASP A 500 -18.25 -15.86 -5.29
C ASP A 500 -18.76 -14.55 -4.71
N LYS A 501 -17.95 -13.88 -3.89
CA LYS A 501 -18.32 -12.65 -3.14
C LYS A 501 -18.07 -11.38 -3.96
N HIS A 502 -17.26 -11.41 -5.01
CA HIS A 502 -16.88 -10.18 -5.75
C HIS A 502 -17.34 -10.27 -7.22
N ASP A 503 -18.29 -11.17 -7.49
CA ASP A 503 -18.83 -11.44 -8.85
C ASP A 503 -17.69 -11.73 -9.83
N HIS A 504 -16.72 -12.55 -9.42
CA HIS A 504 -15.56 -12.98 -10.25
C HIS A 504 -14.80 -11.78 -10.81
N TYR A 505 -14.93 -10.61 -10.19
CA TYR A 505 -14.24 -9.35 -10.55
C TYR A 505 -14.64 -8.90 -11.96
N ALA A 506 -15.90 -9.17 -12.32
CA ALA A 506 -16.54 -8.79 -13.60
C ALA A 506 -16.54 -7.28 -13.75
N GLN A 507 -16.77 -6.52 -12.66
CA GLN A 507 -16.86 -5.03 -12.72
C GLN A 507 -15.52 -4.47 -13.21
N VAL A 508 -14.39 -4.85 -12.60
CA VAL A 508 -13.10 -4.21 -13.00
C VAL A 508 -12.77 -4.66 -14.44
N PHE A 509 -13.07 -5.90 -14.83
CA PHE A 509 -12.87 -6.38 -16.22
C PHE A 509 -13.61 -5.46 -17.18
N VAL A 510 -14.86 -5.10 -16.84
CA VAL A 510 -15.76 -4.21 -17.64
C VAL A 510 -15.19 -2.79 -17.71
N GLN A 511 -14.52 -2.33 -16.64
CA GLN A 511 -13.90 -0.99 -16.60
C GLN A 511 -12.85 -0.89 -17.70
N ALA A 512 -11.91 -1.84 -17.74
CA ALA A 512 -10.89 -1.92 -18.80
C ALA A 512 -11.59 -1.92 -20.16
N LEU A 513 -12.67 -2.70 -20.31
CA LEU A 513 -13.34 -2.81 -21.63
C LEU A 513 -13.88 -1.43 -22.04
N SER A 514 -14.41 -0.68 -21.06
CA SER A 514 -15.12 0.61 -21.30
C SER A 514 -14.19 1.66 -21.89
N ILE A 515 -12.89 1.63 -21.57
CA ILE A 515 -11.96 2.73 -21.92
C ILE A 515 -10.93 2.32 -22.98
N ARG A 516 -11.02 1.08 -23.48
CA ARG A 516 -10.11 0.54 -24.54
C ARG A 516 -10.01 1.50 -25.72
N ASN A 517 -11.08 2.21 -26.07
CA ASN A 517 -11.13 3.04 -27.30
C ASN A 517 -11.07 4.53 -26.95
N MET A 518 -10.76 4.87 -25.70
CA MET A 518 -10.70 6.28 -25.26
C MET A 518 -9.26 6.78 -25.25
N ASN A 519 -9.10 8.10 -25.19
CA ASN A 519 -7.82 8.78 -24.88
C ASN A 519 -7.78 9.06 -23.36
N SER A 520 -6.64 9.56 -22.87
CA SER A 520 -6.40 9.92 -21.44
C SER A 520 -7.60 10.69 -20.89
N ASP A 521 -7.99 11.76 -21.60
CA ASP A 521 -8.91 12.82 -21.08
C ASP A 521 -10.32 12.25 -21.01
N GLU A 522 -10.73 11.56 -22.07
CA GLU A 522 -12.03 10.84 -22.18
C GLU A 522 -12.15 9.84 -21.02
N ALA A 523 -11.12 9.02 -20.80
CA ALA A 523 -11.07 8.05 -19.67
C ALA A 523 -11.22 8.83 -18.34
N ALA A 524 -10.54 9.94 -18.17
CA ALA A 524 -10.59 10.75 -16.93
C ALA A 524 -12.03 11.26 -16.66
N GLU A 525 -12.71 11.77 -17.69
CA GLU A 525 -14.11 12.26 -17.59
C GLU A 525 -15.04 11.08 -17.26
N TRP A 526 -14.85 9.96 -17.94
CA TRP A 526 -15.66 8.74 -17.80
C TRP A 526 -15.56 8.21 -16.35
N ASP A 527 -14.33 8.15 -15.82
CA ASP A 527 -14.08 7.61 -14.46
C ASP A 527 -14.80 8.50 -13.44
N HIS A 528 -15.02 9.78 -13.77
CA HIS A 528 -15.63 10.79 -12.85
C HIS A 528 -17.12 11.05 -13.14
N SER A 529 -17.74 10.33 -14.09
CA SER A 529 -19.16 10.52 -14.46
C SER A 529 -20.11 9.87 -13.43
N ALA A 530 -19.60 9.07 -12.51
CA ALA A 530 -20.40 8.27 -11.55
C ALA A 530 -21.17 9.19 -10.60
N ARG A 531 -22.25 8.68 -10.01
CA ARG A 531 -22.99 9.33 -8.89
C ARG A 531 -22.04 9.53 -7.71
N ARG A 532 -21.21 8.52 -7.47
CA ARG A 532 -20.09 8.50 -6.49
C ARG A 532 -18.88 7.90 -7.20
N PHE A 533 -17.91 8.70 -7.62
CA PHE A 533 -16.67 8.14 -8.20
C PHE A 533 -15.80 7.62 -7.04
N SER A 534 -14.80 6.81 -7.38
CA SER A 534 -14.07 5.94 -6.42
C SER A 534 -13.35 6.81 -5.37
N PHE A 535 -12.65 7.85 -5.81
CA PHE A 535 -11.68 8.57 -4.95
C PHE A 535 -12.02 10.07 -4.84
N ASN A 536 -12.02 10.56 -3.59
CA ASN A 536 -11.96 12.02 -3.29
C ASN A 536 -13.21 12.73 -3.83
N ASP A 537 -14.38 12.08 -3.77
CA ASP A 537 -15.66 12.66 -4.25
C ASP A 537 -16.22 13.59 -3.16
N MET A 538 -16.04 14.89 -3.35
CA MET A 538 -16.42 15.97 -2.38
C MET A 538 -17.95 16.18 -2.32
N ARG A 539 -18.76 15.48 -3.12
CA ARG A 539 -20.25 15.56 -3.09
C ARG A 539 -20.81 14.70 -1.96
N HIS A 540 -20.01 13.80 -1.37
CA HIS A 540 -20.48 12.82 -0.36
C HIS A 540 -19.85 13.14 1.00
N LYS A 541 -19.83 14.43 1.36
CA LYS A 541 -19.24 14.96 2.62
C LYS A 541 -20.33 15.68 3.40
N GLU A 542 -20.95 16.73 2.82
CA GLU A 542 -21.94 17.61 3.52
C GLU A 542 -23.01 16.76 4.24
N GLY A 543 -23.69 15.87 3.53
CA GLY A 543 -24.76 15.02 4.10
C GLY A 543 -24.29 14.11 5.24
N TYR A 544 -23.04 14.22 5.72
CA TYR A 544 -22.46 13.35 6.78
C TYR A 544 -22.05 14.13 8.04
N ARG A 545 -22.15 15.47 8.03
CA ARG A 545 -21.89 16.37 9.20
C ARG A 545 -22.68 15.92 10.45
N ALA A 546 -23.97 15.63 10.35
CA ALA A 546 -24.71 15.11 11.53
C ALA A 546 -23.95 13.88 12.05
N PHE A 547 -23.63 12.92 11.17
CA PHE A 547 -22.93 11.66 11.56
C PHE A 547 -21.60 12.00 12.22
N LEU A 548 -20.89 13.00 11.69
CA LEU A 548 -19.55 13.42 12.17
C LEU A 548 -19.62 13.85 13.64
N ASP A 549 -20.74 14.43 14.10
CA ASP A 549 -20.87 14.92 15.50
C ASP A 549 -21.15 13.71 16.39
N THR A 550 -22.09 12.86 15.99
CA THR A 550 -22.28 11.52 16.61
C THR A 550 -20.90 10.85 16.74
N TYR A 551 -20.04 10.89 15.69
CA TYR A 551 -18.67 10.29 15.70
C TYR A 551 -17.82 10.93 16.82
N LEU A 552 -17.53 12.24 16.73
CA LEU A 552 -16.66 12.99 17.69
C LEU A 552 -17.10 12.72 19.13
N LYS A 553 -18.42 12.68 19.38
CA LYS A 553 -19.02 12.41 20.71
C LYS A 553 -18.74 10.98 21.13
N ALA A 554 -18.91 10.02 20.22
CA ALA A 554 -18.62 8.60 20.48
C ALA A 554 -17.11 8.45 20.79
N TYR A 555 -16.26 9.09 19.99
CA TYR A 555 -14.78 9.04 20.16
C TYR A 555 -14.46 9.52 21.59
N ARG A 556 -14.93 10.73 21.92
CA ARG A 556 -14.74 11.39 23.24
C ARG A 556 -15.18 10.46 24.37
N GLN A 557 -16.38 9.89 24.28
CA GLN A 557 -16.92 8.89 25.24
C GLN A 557 -15.94 7.71 25.38
N VAL A 558 -15.39 7.22 24.26
CA VAL A 558 -14.44 6.05 24.25
C VAL A 558 -13.16 6.44 25.00
N GLU A 559 -12.70 7.68 24.86
CA GLU A 559 -11.36 8.15 25.31
C GLU A 559 -11.46 9.08 26.53
N ASN A 560 -12.62 9.13 27.19
CA ASN A 560 -12.90 10.02 28.36
C ASN A 560 -12.30 11.41 28.09
N ILE A 561 -12.70 12.06 27.01
CA ILE A 561 -12.28 13.47 26.69
C ILE A 561 -13.43 14.42 27.02
N SER A 562 -13.11 15.58 27.60
CA SER A 562 -13.98 16.78 27.68
C SER A 562 -13.44 17.86 26.75
N VAL A 563 -14.33 18.55 26.04
CA VAL A 563 -13.98 19.65 25.09
C VAL A 563 -15.26 20.45 24.82
N ASP A 564 -15.11 21.76 24.59
CA ASP A 564 -16.21 22.71 24.37
C ASP A 564 -16.21 23.15 22.89
N ASP A 565 -17.26 22.79 22.14
CA ASP A 565 -17.37 23.04 20.68
C ASP A 565 -17.95 24.44 20.39
N THR A 566 -18.03 25.30 21.40
CA THR A 566 -18.56 26.70 21.27
C THR A 566 -17.39 27.70 21.17
N VAL A 567 -16.19 27.35 21.63
CA VAL A 567 -14.96 28.19 21.54
C VAL A 567 -14.70 28.52 20.06
N VAL A 568 -14.43 29.80 19.72
CA VAL A 568 -14.26 30.27 18.32
C VAL A 568 -12.85 30.85 18.11
N ASP A 569 -12.14 30.36 17.09
CA ASP A 569 -10.77 30.84 16.71
C ASP A 569 -10.94 31.60 15.39
N GLU A 570 -11.38 32.86 15.49
CA GLU A 570 -11.69 33.75 14.34
C GLU A 570 -10.48 33.86 13.41
N GLU A 571 -9.28 33.73 13.97
CA GLU A 571 -8.01 33.66 13.21
C GLU A 571 -8.02 32.38 12.35
N TRP A 572 -8.54 31.28 12.91
CA TRP A 572 -8.71 29.99 12.17
C TRP A 572 -9.61 30.25 10.97
N ASN A 573 -10.81 30.76 11.24
CA ASN A 573 -11.88 31.12 10.27
C ASN A 573 -11.33 31.94 9.10
N PHE A 574 -10.50 32.94 9.37
CA PHE A 574 -9.91 33.80 8.32
C PHE A 574 -8.99 32.92 7.46
N MET A 575 -8.20 32.06 8.12
CA MET A 575 -7.26 31.14 7.43
C MET A 575 -8.04 30.06 6.67
N VAL A 576 -9.08 29.46 7.27
CA VAL A 576 -9.96 28.43 6.64
C VAL A 576 -10.63 29.05 5.40
N LYS A 577 -11.22 30.25 5.54
CA LYS A 577 -11.93 30.93 4.43
C LYS A 577 -10.89 31.32 3.37
N GLU A 578 -9.70 31.78 3.80
CA GLU A 578 -8.60 32.09 2.87
C GLU A 578 -8.19 30.82 2.12
N ALA A 579 -8.19 29.68 2.82
CA ALA A 579 -7.74 28.36 2.30
C ALA A 579 -8.76 27.83 1.29
N CYS A 580 -10.05 27.94 1.64
CA CYS A 580 -11.19 27.34 0.94
C CYS A 580 -11.81 28.34 -0.06
N GLN A 581 -10.98 29.13 -0.74
CA GLN A 581 -11.43 30.17 -1.71
C GLN A 581 -11.80 29.50 -3.04
N VAL A 582 -10.84 28.79 -3.65
CA VAL A 582 -11.05 27.98 -4.87
C VAL A 582 -12.26 27.07 -4.65
N ARG A 583 -12.40 26.45 -3.48
CA ARG A 583 -13.53 25.51 -3.21
C ARG A 583 -14.85 26.27 -3.19
N ASP A 584 -14.85 27.51 -2.73
CA ASP A 584 -16.08 28.35 -2.60
C ASP A 584 -16.48 28.84 -4.00
N LYS A 585 -15.53 28.94 -4.94
CA LYS A 585 -15.80 29.16 -6.39
C LYS A 585 -16.26 27.85 -7.06
N VAL A 586 -15.40 26.83 -7.05
CA VAL A 586 -15.50 25.59 -7.89
C VAL A 586 -16.73 24.76 -7.49
N ALA A 587 -16.96 24.52 -6.19
CA ALA A 587 -17.99 23.59 -5.68
C ALA A 587 -19.38 23.96 -6.18
N PRO A 588 -19.76 25.26 -6.35
CA PRO A 588 -21.05 25.62 -6.93
C PRO A 588 -21.28 25.16 -8.39
N ASN A 589 -20.21 24.85 -9.12
CA ASN A 589 -20.25 24.40 -10.54
C ASN A 589 -20.64 22.93 -10.64
N ILE A 590 -20.78 22.21 -9.52
CA ILE A 590 -21.17 20.77 -9.50
C ILE A 590 -22.55 20.61 -10.15
N GLU A 591 -22.62 19.83 -11.23
CA GLU A 591 -23.88 19.44 -11.94
C GLU A 591 -24.42 20.67 -12.68
N TYR A 596 -23.99 9.20 -14.23
CA TYR A 596 -24.30 8.93 -15.66
C TYR A 596 -23.39 7.79 -16.15
N SER A 597 -22.46 8.05 -17.08
CA SER A 597 -21.95 7.06 -18.07
C SER A 597 -21.37 5.83 -17.36
N LYS A 598 -20.42 6.03 -16.44
CA LYS A 598 -19.70 4.90 -15.80
C LYS A 598 -20.71 3.96 -15.15
N ASP A 599 -21.71 4.47 -14.41
CA ASP A 599 -22.70 3.64 -13.70
C ASP A 599 -23.43 2.81 -14.75
N GLU A 600 -23.83 3.45 -15.85
CA GLU A 600 -24.60 2.86 -16.97
C GLU A 600 -23.75 1.78 -17.63
N ASP A 601 -22.53 2.13 -18.06
CA ASP A 601 -21.61 1.18 -18.77
C ASP A 601 -21.30 -0.01 -17.86
N VAL A 602 -21.02 0.22 -16.58
CA VAL A 602 -20.64 -0.89 -15.67
C VAL A 602 -21.82 -1.87 -15.61
N ASN A 603 -23.03 -1.36 -15.33
CA ASN A 603 -24.22 -2.21 -15.04
C ASN A 603 -24.52 -3.11 -16.25
N LYS A 604 -24.45 -2.56 -17.46
CA LYS A 604 -24.70 -3.34 -18.70
C LYS A 604 -23.54 -4.33 -18.92
N GLY A 605 -22.29 -3.85 -18.87
CA GLY A 605 -21.10 -4.67 -19.15
C GLY A 605 -21.10 -5.93 -18.30
N ILE A 606 -21.47 -5.80 -17.03
CA ILE A 606 -21.43 -6.88 -16.01
C ILE A 606 -22.48 -7.93 -16.35
N ARG A 607 -23.64 -7.51 -16.84
CA ARG A 607 -24.72 -8.43 -17.25
C ARG A 607 -24.21 -9.28 -18.43
N LEU A 608 -23.61 -8.64 -19.44
CA LEU A 608 -23.04 -9.31 -20.63
C LEU A 608 -22.00 -10.33 -20.16
N ILE A 609 -21.01 -9.90 -19.37
CA ILE A 609 -19.87 -10.77 -18.93
C ILE A 609 -20.41 -11.95 -18.14
N LEU A 610 -21.30 -11.72 -17.19
CA LEU A 610 -21.79 -12.80 -16.31
C LEU A 610 -22.58 -13.79 -17.17
N SER A 611 -23.19 -13.33 -18.26
CA SER A 611 -23.97 -14.18 -19.20
C SER A 611 -23.07 -15.16 -19.95
N ILE A 612 -21.82 -14.76 -20.30
CA ILE A 612 -20.87 -15.57 -21.14
C ILE A 612 -19.69 -16.14 -20.33
N LEU A 613 -19.85 -16.30 -19.02
CA LEU A 613 -18.76 -16.75 -18.08
C LEU A 613 -18.13 -18.05 -18.57
N ASP A 614 -18.93 -19.07 -18.88
CA ASP A 614 -18.41 -20.40 -19.24
C ASP A 614 -18.31 -20.56 -20.77
N SER A 615 -18.40 -19.49 -21.55
CA SER A 615 -18.21 -19.54 -23.02
C SER A 615 -16.74 -19.70 -23.35
N ASP A 616 -16.43 -20.52 -24.36
CA ASP A 616 -15.07 -20.71 -24.90
C ASP A 616 -14.65 -19.41 -25.57
N ILE A 617 -13.47 -18.87 -25.21
CA ILE A 617 -12.95 -17.58 -25.77
C ILE A 617 -12.67 -17.79 -27.26
N SER A 618 -11.85 -18.82 -27.54
CA SER A 618 -11.26 -19.12 -28.87
C SER A 618 -12.37 -19.21 -29.92
N SER A 619 -13.54 -19.70 -29.50
CA SER A 619 -14.75 -19.97 -30.35
C SER A 619 -15.63 -18.73 -30.52
N LEU A 620 -15.42 -17.62 -29.78
CA LEU A 620 -16.36 -16.46 -29.78
C LEU A 620 -16.48 -15.92 -31.22
N PRO A 621 -17.71 -15.56 -31.68
CA PRO A 621 -17.91 -15.11 -33.07
C PRO A 621 -17.29 -13.75 -33.39
N ASP A 622 -17.10 -13.41 -34.67
CA ASP A 622 -16.60 -12.09 -35.14
C ASP A 622 -17.63 -11.00 -34.85
N GLU A 642 -20.88 -7.03 -27.53
CA GLU A 642 -21.49 -6.16 -28.57
C GLU A 642 -20.71 -6.35 -29.88
N ALA A 643 -20.00 -5.32 -30.37
CA ALA A 643 -19.18 -5.39 -31.61
C ALA A 643 -17.73 -5.78 -31.26
N GLN A 644 -16.75 -4.91 -31.57
CA GLN A 644 -15.27 -5.11 -31.46
C GLN A 644 -14.84 -5.36 -30.00
N SER A 645 -15.76 -5.31 -29.04
CA SER A 645 -15.51 -5.72 -27.64
C SER A 645 -15.22 -7.22 -27.61
N ILE A 646 -15.85 -8.02 -28.48
CA ILE A 646 -15.55 -9.47 -28.62
C ILE A 646 -14.16 -9.64 -29.25
N GLU A 647 -13.87 -8.91 -30.33
CA GLU A 647 -12.54 -8.88 -30.98
C GLU A 647 -11.46 -8.57 -29.93
N PHE A 648 -11.73 -7.58 -29.07
CA PHE A 648 -10.80 -7.16 -27.99
C PHE A 648 -10.62 -8.31 -27.01
N ILE A 649 -11.73 -8.90 -26.55
CA ILE A 649 -11.72 -10.00 -25.55
C ILE A 649 -10.90 -11.18 -26.10
N ARG A 650 -11.01 -11.46 -27.40
CA ARG A 650 -10.28 -12.57 -28.06
C ARG A 650 -8.78 -12.26 -28.08
N ARG A 651 -8.40 -11.01 -28.31
CA ARG A 651 -6.95 -10.66 -28.40
C ARG A 651 -6.28 -10.72 -27.01
N LEU A 652 -7.05 -10.79 -25.92
CA LEU A 652 -6.52 -10.96 -24.52
C LEU A 652 -5.76 -12.29 -24.40
N LEU A 653 -5.98 -13.25 -25.31
CA LEU A 653 -5.18 -14.50 -25.34
C LEU A 653 -3.77 -14.19 -25.83
N GLN A 654 -3.57 -13.07 -26.53
CA GLN A 654 -2.26 -12.72 -27.16
C GLN A 654 -1.93 -11.26 -26.86
N PRO A 655 -1.63 -10.93 -25.59
CA PRO A 655 -1.34 -9.55 -25.21
C PRO A 655 0.03 -9.12 -25.77
N LYS A 656 0.12 -7.89 -26.28
CA LYS A 656 1.26 -7.43 -27.13
C LYS A 656 2.35 -6.79 -26.26
N ASN A 657 2.11 -6.55 -24.97
CA ASN A 657 3.11 -5.85 -24.12
C ASN A 657 3.44 -6.76 -22.92
N TYR A 658 3.71 -8.03 -23.20
CA TYR A 658 4.06 -9.08 -22.22
C TYR A 658 5.57 -9.09 -21.86
N GLU A 659 6.44 -8.48 -22.68
CA GLU A 659 7.92 -8.56 -22.47
C GLU A 659 8.35 -7.83 -21.19
N LEU A 660 9.11 -8.51 -20.32
CA LEU A 660 9.83 -7.90 -19.16
C LEU A 660 11.28 -8.35 -19.23
N LEU A 661 12.16 -7.46 -19.68
CA LEU A 661 13.53 -7.84 -20.12
C LEU A 661 14.39 -8.17 -18.89
N PHE A 662 13.96 -7.80 -17.70
CA PHE A 662 14.68 -8.21 -16.46
C PHE A 662 14.37 -9.69 -16.16
N ILE A 663 13.46 -10.32 -16.90
CA ILE A 663 13.14 -11.76 -16.73
C ILE A 663 13.69 -12.55 -17.94
N ARG A 664 13.34 -12.12 -19.16
CA ARG A 664 13.80 -12.63 -20.49
C ARG A 664 15.25 -12.20 -20.76
PA FAD B . 9.54 -5.50 12.26
O1A FAD B . 8.10 -5.86 12.55
O2A FAD B . 10.02 -4.19 12.74
O5B FAD B . 10.46 -6.67 12.83
C5B FAD B . 11.91 -6.65 12.69
C4B FAD B . 12.55 -7.26 13.90
O4B FAD B . 13.98 -7.31 13.69
C3B FAD B . 12.35 -6.48 15.23
O3B FAD B . 12.01 -7.31 16.32
C2B FAD B . 13.74 -5.89 15.53
O2B FAD B . 14.05 -5.84 16.91
C1B FAD B . 14.66 -6.89 14.87
N9A FAD B . 15.97 -6.34 14.51
C8A FAD B . 16.26 -5.19 13.79
N7A FAD B . 17.55 -5.03 13.59
C5A FAD B . 18.15 -6.11 14.22
C6A FAD B . 19.48 -6.52 14.37
N6A FAD B . 20.52 -5.85 13.86
N1A FAD B . 19.71 -7.65 15.05
C2A FAD B . 18.67 -8.34 15.55
N3A FAD B . 17.38 -8.08 15.47
C4A FAD B . 17.18 -6.93 14.78
N1 FAD B . 1.53 -2.84 6.80
C2 FAD B . 0.37 -3.24 6.26
O2 FAD B . 0.35 -4.13 5.43
N3 FAD B . -0.82 -2.63 6.54
C4 FAD B . -0.92 -1.62 7.47
O4 FAD B . -2.02 -1.08 7.69
C4X FAD B . 0.27 -1.23 8.12
N5 FAD B . 0.18 -0.29 9.05
C5X FAD B . 1.33 0.05 9.70
C6 FAD B . 1.25 1.01 10.72
C7 FAD B . 2.36 1.43 11.43
C7M FAD B . 2.20 2.47 12.51
C8 FAD B . 3.62 0.85 11.12
C8M FAD B . 4.87 1.27 11.87
C9 FAD B . 3.72 -0.08 10.09
C9A FAD B . 2.59 -0.52 9.37
N10 FAD B . 2.64 -1.50 8.37
C10 FAD B . 1.49 -1.90 7.73
C1' FAD B . 3.95 -2.00 7.88
C2' FAD B . 4.40 -3.39 8.27
O2' FAD B . 3.34 -4.35 8.20
C3' FAD B . 5.08 -3.35 9.64
O3' FAD B . 6.06 -2.31 9.61
C4' FAD B . 5.81 -4.62 10.04
O4' FAD B . 6.07 -4.61 11.44
C5' FAD B . 7.14 -4.80 9.36
O5' FAD B . 7.57 -6.15 9.68
P FAD B . 9.12 -6.52 9.54
O1P FAD B . 9.23 -7.98 9.91
O2P FAD B . 9.63 -6.07 8.20
O3P FAD B . 9.78 -5.62 10.68
OXT 64X C . -12.01 1.60 -9.92
C 64X C . -11.48 2.65 -10.40
O 64X C . -11.93 3.81 -10.27
CA 64X C . -10.26 2.52 -11.28
N 64X C . -10.64 3.10 -12.62
CB 64X C . -9.06 3.27 -10.65
CG 64X C . -8.48 2.51 -9.43
CD2 64X C . -7.31 2.77 -8.83
CE3 64X C . -6.35 3.68 -9.04
CZ3 64X C . -5.23 3.74 -8.21
BR1 64X C . -3.84 5.10 -8.57
CH2 64X C . -5.11 2.80 -7.16
CZ2 64X C . -6.12 1.86 -6.97
CE2 64X C . -7.19 1.88 -7.82
NE1 64X C . -8.27 1.10 -7.86
CD1 64X C . -9.07 1.47 -8.83
#